data_4JPN
#
_entry.id   4JPN
#
_cell.length_a   83.372
_cell.length_b   193.904
_cell.length_c   67.379
_cell.angle_alpha   90.00
_cell.angle_beta   90.00
_cell.angle_gamma   90.00
#
_symmetry.space_group_name_H-M   'P 21 21 2'
#
loop_
_entity.id
_entity.type
_entity.pdbx_description
1 polymer 'Minor spike protein H'
2 water water
#
_entity_poly.entity_id   1
_entity_poly.type   'polypeptide(L)'
_entity_poly.pdbx_seq_one_letter_code
;MVDAGFENQKELTKMQLDNQKEIAEMQNETQKEIAGIQSATSRQNTKDQVYAQNEMLAYQQKESTARVASIMENTNLSK
;
_entity_poly.pdbx_strand_id   A,B,C,D,E,F,G,H,I,J
#
# COMPACT_ATOMS: atom_id res chain seq x y z
N VAL A 2 -44.50 5.77 -36.28
CA VAL A 2 -44.91 5.51 -37.67
C VAL A 2 -43.76 5.76 -38.65
N ASP A 3 -42.61 6.12 -38.10
CA ASP A 3 -41.40 6.29 -38.90
C ASP A 3 -40.59 5.01 -38.76
N ALA A 4 -40.61 4.20 -39.82
CA ALA A 4 -39.90 2.92 -39.83
C ALA A 4 -38.42 3.10 -39.56
N GLY A 5 -37.82 4.08 -40.25
CA GLY A 5 -36.43 4.42 -40.06
C GLY A 5 -36.11 4.72 -38.61
N PHE A 6 -36.97 5.51 -37.97
CA PHE A 6 -36.75 5.85 -36.57
C PHE A 6 -36.94 4.68 -35.60
N GLU A 7 -37.97 3.86 -35.82
CA GLU A 7 -38.14 2.66 -35.00
C GLU A 7 -36.91 1.75 -35.11
N ASN A 8 -36.37 1.65 -36.32
CA ASN A 8 -35.15 0.88 -36.54
C ASN A 8 -33.98 1.44 -35.76
N GLN A 9 -33.76 2.76 -35.87
CA GLN A 9 -32.68 3.42 -35.12
C GLN A 9 -32.85 3.26 -33.61
N LYS A 10 -34.10 3.26 -33.15
CA LYS A 10 -34.38 3.14 -31.73
C LYS A 10 -34.03 1.73 -31.27
N GLU A 11 -34.41 0.74 -32.07
CA GLU A 11 -34.07 -0.66 -31.78
C GLU A 11 -32.56 -0.89 -31.70
N LEU A 12 -31.83 -0.46 -32.72
CA LEU A 12 -30.37 -0.57 -32.69
C LEU A 12 -29.75 0.12 -31.45
N THR A 13 -30.25 1.34 -31.17
CA THR A 13 -29.79 2.08 -30.01
C THR A 13 -30.00 1.29 -28.72
N LYS A 14 -31.19 0.73 -28.57
CA LYS A 14 -31.49 -0.08 -27.39
C LYS A 14 -30.59 -1.30 -27.29
N MET A 15 -30.29 -1.93 -28.43
CA MET A 15 -29.37 -3.06 -28.42
C MET A 15 -28.02 -2.64 -27.82
N GLN A 16 -27.49 -1.52 -28.30
CA GLN A 16 -26.17 -1.09 -27.83
C GLN A 16 -26.21 -0.73 -26.35
N LEU A 17 -27.23 0.02 -25.95
CA LEU A 17 -27.37 0.45 -24.55
C LEU A 17 -27.55 -0.73 -23.57
N ASP A 18 -28.34 -1.72 -23.99
CA ASP A 18 -28.52 -2.92 -23.16
C ASP A 18 -27.21 -3.66 -23.04
N ASN A 19 -26.45 -3.74 -24.14
CA ASN A 19 -25.17 -4.44 -24.09
C ASN A 19 -24.23 -3.75 -23.11
N GLN A 20 -24.15 -2.42 -23.22
CA GLN A 20 -23.30 -1.64 -22.32
C GLN A 20 -23.70 -1.84 -20.86
N LYS A 21 -25.01 -1.86 -20.61
CA LYS A 21 -25.49 -2.08 -19.23
C LYS A 21 -25.09 -3.48 -18.74
N GLU A 22 -25.29 -4.49 -19.58
CA GLU A 22 -24.96 -5.88 -19.24
C GLU A 22 -23.48 -6.05 -18.92
N ILE A 23 -22.63 -5.41 -19.74
CA ILE A 23 -21.19 -5.41 -19.49
C ILE A 23 -20.88 -4.75 -18.15
N ALA A 24 -21.54 -3.62 -17.87
CA ALA A 24 -21.33 -2.92 -16.61
C ALA A 24 -21.70 -3.81 -15.41
N GLU A 25 -22.84 -4.47 -15.51
CA GLU A 25 -23.30 -5.38 -14.46
C GLU A 25 -22.29 -6.49 -14.22
N MET A 26 -21.77 -7.08 -15.31
CA MET A 26 -20.81 -8.17 -15.14
C MET A 26 -19.51 -7.71 -14.51
N GLN A 27 -19.05 -6.52 -14.91
CA GLN A 27 -17.87 -5.91 -14.29
C GLN A 27 -18.07 -5.64 -12.78
N ASN A 28 -19.21 -5.07 -12.42
CA ASN A 28 -19.51 -4.80 -11.02
C ASN A 28 -19.56 -6.10 -10.21
N GLU A 29 -20.16 -7.14 -10.80
CA GLU A 29 -20.24 -8.42 -10.09
C GLU A 29 -18.85 -9.01 -9.87
N THR A 30 -18.00 -8.89 -10.89
CA THR A 30 -16.63 -9.36 -10.81
C THR A 30 -15.87 -8.62 -9.71
N GLN A 31 -15.98 -7.29 -9.70
CA GLN A 31 -15.35 -6.49 -8.65
C GLN A 31 -15.81 -6.89 -7.24
N LYS A 32 -17.11 -7.12 -7.09
CA LYS A 32 -17.64 -7.54 -5.79
C LYS A 32 -17.10 -8.92 -5.38
N GLU A 33 -17.04 -9.85 -6.33
CA GLU A 33 -16.51 -11.19 -6.03
C GLU A 33 -15.04 -11.12 -5.62
N ILE A 34 -14.28 -10.27 -6.29
CA ILE A 34 -12.86 -10.15 -5.97
C ILE A 34 -12.73 -9.53 -4.58
N ALA A 35 -13.60 -8.58 -4.26
CA ALA A 35 -13.57 -8.01 -2.93
C ALA A 35 -13.89 -9.09 -1.88
N GLY A 36 -14.76 -10.04 -2.25
CA GLY A 36 -15.09 -11.14 -1.36
C GLY A 36 -13.90 -12.05 -1.13
N ILE A 37 -13.16 -12.34 -2.20
CA ILE A 37 -11.94 -13.14 -2.09
C ILE A 37 -10.88 -12.46 -1.20
N GLN A 38 -10.72 -11.16 -1.38
CA GLN A 38 -9.74 -10.38 -0.63
C GLN A 38 -10.12 -10.38 0.84
N SER A 39 -11.41 -10.19 1.11
CA SER A 39 -11.90 -10.21 2.48
C SER A 39 -11.66 -11.56 3.15
N ALA A 40 -12.12 -12.64 2.50
CA ALA A 40 -11.94 -13.98 3.06
C ALA A 40 -10.47 -14.27 3.38
N THR A 41 -9.60 -13.90 2.45
CA THR A 41 -8.18 -14.15 2.62
C THR A 41 -7.61 -13.35 3.81
N SER A 42 -7.96 -12.08 3.88
CA SER A 42 -7.48 -11.21 4.98
C SER A 42 -7.95 -11.71 6.37
N ARG A 43 -9.22 -12.12 6.46
CA ARG A 43 -9.74 -12.67 7.70
C ARG A 43 -9.00 -13.96 8.09
N GLN A 44 -8.83 -14.88 7.12
CA GLN A 44 -8.18 -16.14 7.48
C GLN A 44 -6.70 -15.92 7.86
N ASN A 45 -6.05 -15.00 7.14
CA ASN A 45 -4.69 -14.63 7.48
C ASN A 45 -4.63 -14.15 8.92
N THR A 46 -5.56 -13.27 9.29
CA THR A 46 -5.56 -12.69 10.62
C THR A 46 -5.71 -13.77 11.70
N LYS A 47 -6.66 -14.68 11.47
CA LYS A 47 -6.87 -15.80 12.40
C LYS A 47 -5.61 -16.64 12.58
N ASP A 48 -4.96 -16.95 11.45
CA ASP A 48 -3.72 -17.72 11.48
C ASP A 48 -2.65 -16.99 12.28
N GLN A 49 -2.54 -15.67 12.09
CA GLN A 49 -1.53 -14.87 12.78
C GLN A 49 -1.75 -14.77 14.30
N VAL A 50 -2.99 -14.56 14.74
CA VAL A 50 -3.25 -14.40 16.16
C VAL A 50 -3.41 -15.72 16.92
N TYR A 51 -3.42 -16.84 16.19
CA TYR A 51 -3.55 -18.15 16.84
C TYR A 51 -2.64 -18.38 18.07
N ALA A 52 -1.33 -18.26 17.89
CA ALA A 52 -0.36 -18.52 18.96
C ALA A 52 -0.58 -17.62 20.19
N GLN A 53 -0.63 -16.31 19.93
CA GLN A 53 -1.04 -15.29 20.89
C GLN A 53 -2.17 -15.76 21.78
N ASN A 54 -3.26 -16.09 21.09
CA ASN A 54 -4.50 -16.45 21.79
C ASN A 54 -4.32 -17.73 22.60
N GLU A 55 -3.54 -18.67 22.07
CA GLU A 55 -3.31 -19.94 22.76
C GLU A 55 -2.40 -19.79 24.00
N MET A 56 -1.51 -18.80 23.98
CA MET A 56 -0.62 -18.56 25.12
C MET A 56 -1.34 -17.78 26.22
N LEU A 57 -2.41 -17.10 25.85
CA LEU A 57 -3.14 -16.24 26.79
C LEU A 57 -3.41 -16.82 28.19
N ALA A 58 -4.07 -17.98 28.26
CA ALA A 58 -4.42 -18.57 29.56
C ALA A 58 -3.21 -18.94 30.41
N TYR A 59 -2.13 -19.34 29.73
CA TYR A 59 -0.88 -19.68 30.40
C TYR A 59 -0.22 -18.41 30.95
N GLN A 60 -0.26 -17.33 30.18
CA GLN A 60 0.34 -16.07 30.61
C GLN A 60 -0.43 -15.48 31.80
N GLN A 61 -1.76 -15.62 31.76
CA GLN A 61 -2.58 -15.17 32.88
C GLN A 61 -2.26 -15.99 34.14
N LYS A 62 -2.20 -17.31 33.98
CA LYS A 62 -1.84 -18.18 35.09
C LYS A 62 -0.47 -17.83 35.69
N GLU A 63 0.51 -17.62 34.84
CA GLU A 63 1.86 -17.36 35.34
C GLU A 63 1.95 -15.99 36.00
N SER A 64 1.22 -15.01 35.46
CA SER A 64 1.14 -13.69 36.08
C SER A 64 0.51 -13.80 37.47
N THR A 65 -0.55 -14.60 37.57
CA THR A 65 -1.23 -14.84 38.84
C THR A 65 -0.27 -15.47 39.85
N ALA A 66 0.57 -16.38 39.36
CA ALA A 66 1.55 -17.00 40.23
C ALA A 66 2.56 -15.97 40.75
N ARG A 67 3.08 -15.15 39.83
CA ARG A 67 4.02 -14.10 40.20
C ARG A 67 3.40 -13.19 41.25
N VAL A 68 2.14 -12.83 41.07
CA VAL A 68 1.45 -12.01 42.06
C VAL A 68 1.34 -12.73 43.39
N ALA A 69 1.04 -14.03 43.36
CA ALA A 69 0.90 -14.80 44.59
C ALA A 69 2.19 -14.70 45.39
N SER A 70 3.31 -14.88 44.70
CA SER A 70 4.62 -14.87 45.35
C SER A 70 4.99 -13.47 45.84
N ILE A 71 4.71 -12.46 45.02
CA ILE A 71 4.98 -11.09 45.41
C ILE A 71 4.22 -10.71 46.68
N MET A 72 2.92 -10.98 46.72
CA MET A 72 2.11 -10.64 47.88
C MET A 72 2.53 -11.45 49.10
N GLU A 73 2.91 -12.71 48.88
CA GLU A 73 3.38 -13.49 50.02
C GLU A 73 4.65 -12.90 50.62
N ASN A 74 5.53 -12.38 49.77
CA ASN A 74 6.77 -11.75 50.25
C ASN A 74 6.59 -10.31 50.75
N THR A 75 5.36 -9.80 50.72
CA THR A 75 5.09 -8.45 51.21
C THR A 75 4.42 -8.51 52.58
N ASN A 76 5.12 -8.01 53.61
CA ASN A 76 4.64 -8.03 55.00
C ASN A 76 4.46 -9.42 55.62
N VAL B 2 -43.58 19.05 -37.56
CA VAL B 2 -42.55 19.55 -38.47
C VAL B 2 -41.15 19.41 -37.84
N ASP B 3 -41.09 19.40 -36.50
CA ASP B 3 -39.83 19.23 -35.81
C ASP B 3 -39.66 17.78 -35.36
N ALA B 4 -40.31 16.87 -36.09
CA ALA B 4 -40.30 15.45 -35.75
C ALA B 4 -38.89 14.89 -35.64
N GLY B 5 -38.02 15.26 -36.58
CA GLY B 5 -36.65 14.79 -36.60
C GLY B 5 -35.94 15.19 -35.32
N PHE B 6 -36.23 16.41 -34.86
CA PHE B 6 -35.69 16.89 -33.60
C PHE B 6 -36.19 16.10 -32.40
N GLU B 7 -37.50 15.88 -32.31
CA GLU B 7 -38.05 15.16 -31.15
C GLU B 7 -37.52 13.72 -31.12
N ASN B 8 -37.28 13.17 -32.30
CA ASN B 8 -36.68 11.85 -32.44
C ASN B 8 -35.23 11.80 -31.94
N GLN B 9 -34.43 12.75 -32.41
CA GLN B 9 -33.04 12.84 -31.96
C GLN B 9 -33.00 13.06 -30.46
N LYS B 10 -33.97 13.83 -29.96
CA LYS B 10 -34.08 14.10 -28.53
C LYS B 10 -34.36 12.80 -27.78
N GLU B 11 -35.29 11.99 -28.28
CA GLU B 11 -35.58 10.71 -27.66
C GLU B 11 -34.35 9.79 -27.61
N LEU B 12 -33.64 9.68 -28.73
CA LEU B 12 -32.43 8.84 -28.75
C LEU B 12 -31.35 9.34 -27.77
N THR B 13 -31.08 10.63 -27.82
CA THR B 13 -30.11 11.26 -26.92
C THR B 13 -30.48 10.97 -25.48
N LYS B 14 -31.78 11.10 -25.18
CA LYS B 14 -32.26 10.87 -23.82
C LYS B 14 -32.06 9.43 -23.39
N MET B 15 -32.34 8.48 -24.28
CA MET B 15 -32.09 7.07 -23.98
C MET B 15 -30.62 6.86 -23.61
N GLN B 16 -29.73 7.43 -24.40
CA GLN B 16 -28.29 7.28 -24.16
C GLN B 16 -27.86 7.90 -22.83
N LEU B 17 -28.34 9.11 -22.56
CA LEU B 17 -27.95 9.81 -21.34
C LEU B 17 -28.47 9.10 -20.09
N ASP B 18 -29.73 8.67 -20.14
CA ASP B 18 -30.29 7.86 -19.05
C ASP B 18 -29.44 6.62 -18.81
N ASN B 19 -29.05 5.96 -19.90
CA ASN B 19 -28.27 4.73 -19.76
C ASN B 19 -26.93 5.01 -19.08
N GLN B 20 -26.29 6.10 -19.49
CA GLN B 20 -25.01 6.48 -18.89
C GLN B 20 -25.14 6.79 -17.41
N LYS B 21 -26.18 7.55 -17.07
CA LYS B 21 -26.38 7.89 -15.67
C LYS B 21 -26.64 6.63 -14.82
N GLU B 22 -27.45 5.70 -15.36
CA GLU B 22 -27.74 4.45 -14.65
C GLU B 22 -26.49 3.58 -14.44
N ILE B 23 -25.64 3.52 -15.46
CA ILE B 23 -24.39 2.78 -15.35
C ILE B 23 -23.46 3.39 -14.29
N ALA B 24 -23.35 4.72 -14.29
CA ALA B 24 -22.58 5.43 -13.28
C ALA B 24 -23.13 5.14 -11.88
N GLU B 25 -24.46 5.18 -11.74
CA GLU B 25 -25.12 4.90 -10.47
C GLU B 25 -24.79 3.50 -9.96
N MET B 26 -24.75 2.54 -10.88
CA MET B 26 -24.48 1.15 -10.50
C MET B 26 -23.03 0.97 -10.08
N GLN B 27 -22.12 1.60 -10.82
CA GLN B 27 -20.71 1.58 -10.45
C GLN B 27 -20.48 2.23 -9.08
N ASN B 28 -21.11 3.38 -8.84
CA ASN B 28 -21.00 4.07 -7.57
C ASN B 28 -21.48 3.19 -6.42
N GLU B 29 -22.66 2.59 -6.58
CA GLU B 29 -23.17 1.70 -5.54
C GLU B 29 -22.22 0.53 -5.28
N THR B 30 -21.69 -0.05 -6.37
CA THR B 30 -20.72 -1.15 -6.24
C THR B 30 -19.51 -0.73 -5.41
N GLN B 31 -18.96 0.45 -5.71
CA GLN B 31 -17.80 0.95 -4.98
C GLN B 31 -18.10 1.16 -3.49
N LYS B 32 -19.28 1.71 -3.20
CA LYS B 32 -19.72 1.85 -1.82
C LYS B 32 -19.82 0.50 -1.09
N GLU B 33 -20.38 -0.51 -1.77
CA GLU B 33 -20.53 -1.83 -1.16
C GLU B 33 -19.16 -2.46 -0.87
N ILE B 34 -18.24 -2.29 -1.81
CA ILE B 34 -16.87 -2.79 -1.63
C ILE B 34 -16.20 -2.07 -0.46
N ALA B 35 -16.41 -0.77 -0.34
CA ALA B 35 -15.84 -0.05 0.80
C ALA B 35 -16.42 -0.58 2.12
N GLY B 36 -17.71 -0.92 2.13
CA GLY B 36 -18.32 -1.49 3.32
C GLY B 36 -17.69 -2.83 3.69
N ILE B 37 -17.43 -3.65 2.67
CA ILE B 37 -16.78 -4.93 2.91
C ILE B 37 -15.36 -4.74 3.49
N GLN B 38 -14.62 -3.81 2.90
CA GLN B 38 -13.24 -3.56 3.35
C GLN B 38 -13.24 -3.04 4.79
N SER B 39 -14.18 -2.14 5.08
CA SER B 39 -14.26 -1.56 6.42
C SER B 39 -14.62 -2.62 7.46
N ALA B 40 -15.63 -3.45 7.16
CA ALA B 40 -16.04 -4.51 8.07
C ALA B 40 -14.89 -5.48 8.35
N THR B 41 -14.20 -5.88 7.28
CA THR B 41 -13.06 -6.79 7.41
C THR B 41 -11.93 -6.20 8.26
N SER B 42 -11.62 -4.93 8.00
CA SER B 42 -10.56 -4.25 8.74
C SER B 42 -10.91 -4.11 10.23
N ARG B 43 -12.18 -3.78 10.52
CA ARG B 43 -12.63 -3.68 11.91
C ARG B 43 -12.51 -5.02 12.62
N GLN B 44 -13.00 -6.08 12.00
CA GLN B 44 -12.96 -7.39 12.67
C GLN B 44 -11.53 -7.92 12.82
N ASN B 45 -10.67 -7.65 11.83
CA ASN B 45 -9.27 -8.02 11.92
C ASN B 45 -8.65 -7.33 13.12
N THR B 46 -9.00 -6.05 13.29
CA THR B 46 -8.41 -5.28 14.38
C THR B 46 -8.85 -5.83 15.73
N LYS B 47 -10.15 -6.12 15.87
CA LYS B 47 -10.64 -6.73 17.10
C LYS B 47 -9.90 -8.03 17.44
N ASP B 48 -9.74 -8.87 16.40
CA ASP B 48 -9.02 -10.14 16.57
C ASP B 48 -7.57 -9.92 17.00
N GLN B 49 -6.95 -8.87 16.48
CA GLN B 49 -5.55 -8.58 16.82
C GLN B 49 -5.37 -8.07 18.24
N VAL B 50 -6.30 -7.24 18.72
CA VAL B 50 -6.07 -6.62 20.02
C VAL B 50 -6.64 -7.47 21.17
N TYR B 51 -7.37 -8.53 20.81
CA TYR B 51 -7.96 -9.39 21.82
C TYR B 51 -7.00 -9.81 22.97
N ALA B 52 -5.84 -10.36 22.62
CA ALA B 52 -4.89 -10.87 23.62
C ALA B 52 -4.37 -9.77 24.56
N GLN B 53 -3.89 -8.68 23.95
CA GLN B 53 -3.51 -7.44 24.65
C GLN B 53 -4.51 -7.05 25.70
N ASN B 54 -5.75 -6.94 25.24
CA ASN B 54 -6.84 -6.46 26.08
C ASN B 54 -7.15 -7.43 27.21
N GLU B 55 -7.03 -8.73 26.94
CA GLU B 55 -7.25 -9.74 27.98
C GLU B 55 -6.11 -9.80 29.01
N MET B 56 -4.90 -9.47 28.60
CA MET B 56 -3.76 -9.43 29.54
C MET B 56 -3.72 -8.14 30.36
N LEU B 57 -4.35 -7.09 29.84
CA LEU B 57 -4.32 -5.78 30.49
C LEU B 57 -4.51 -5.82 32.02
N ALA B 58 -5.64 -6.36 32.47
CA ALA B 58 -5.95 -6.35 33.90
C ALA B 58 -4.92 -7.11 34.75
N TYR B 59 -4.36 -8.17 34.18
CA TYR B 59 -3.30 -8.92 34.86
C TYR B 59 -2.05 -8.06 35.00
N GLN B 60 -1.71 -7.34 33.93
CA GLN B 60 -0.49 -6.53 33.94
C GLN B 60 -0.63 -5.37 34.95
N GLN B 61 -1.82 -4.81 35.02
CA GLN B 61 -2.12 -3.78 36.01
C GLN B 61 -2.00 -4.31 37.44
N LYS B 62 -2.63 -5.45 37.72
CA LYS B 62 -2.58 -6.01 39.06
C LYS B 62 -1.17 -6.45 39.48
N GLU B 63 -0.42 -7.02 38.54
CA GLU B 63 0.97 -7.41 38.83
C GLU B 63 1.80 -6.16 39.12
N SER B 64 1.58 -5.09 38.34
CA SER B 64 2.23 -3.82 38.62
C SER B 64 1.90 -3.29 40.02
N THR B 65 0.63 -3.36 40.41
CA THR B 65 0.21 -2.91 41.74
C THR B 65 0.88 -3.72 42.87
N ALA B 66 0.94 -5.04 42.70
CA ALA B 66 1.62 -5.88 43.68
C ALA B 66 3.09 -5.49 43.79
N ARG B 67 3.74 -5.33 42.63
CA ARG B 67 5.13 -4.89 42.63
C ARG B 67 5.30 -3.59 43.39
N VAL B 68 4.41 -2.62 43.15
CA VAL B 68 4.49 -1.33 43.82
C VAL B 68 4.37 -1.51 45.34
N ALA B 69 3.44 -2.34 45.79
CA ALA B 69 3.26 -2.57 47.22
C ALA B 69 4.54 -3.14 47.84
N SER B 70 5.15 -4.10 47.15
CA SER B 70 6.41 -4.68 47.61
C SER B 70 7.53 -3.64 47.70
N ILE B 71 7.69 -2.86 46.63
CA ILE B 71 8.71 -1.83 46.56
C ILE B 71 8.56 -0.82 47.70
N MET B 72 7.33 -0.34 47.89
CA MET B 72 7.06 0.62 48.94
C MET B 72 7.23 0.06 50.35
N GLU B 73 6.95 -1.22 50.55
CA GLU B 73 7.25 -1.83 51.84
C GLU B 73 8.75 -1.76 52.10
N ASN B 74 9.52 -2.14 51.08
CA ASN B 74 10.98 -2.18 51.18
C ASN B 74 11.62 -0.81 50.93
N THR B 75 10.83 0.25 51.07
CA THR B 75 11.32 1.62 50.92
C THR B 75 10.95 2.47 52.13
N ASP C 3 -32.18 29.70 -36.17
CA ASP C 3 -32.90 29.95 -34.92
C ASP C 3 -33.53 28.68 -34.37
N ALA C 4 -34.53 28.15 -35.09
CA ALA C 4 -35.24 26.94 -34.70
C ALA C 4 -34.25 25.80 -34.49
N GLY C 5 -33.51 25.50 -35.55
CA GLY C 5 -32.45 24.52 -35.50
C GLY C 5 -31.47 24.83 -34.39
N PHE C 6 -31.23 26.12 -34.14
CA PHE C 6 -30.31 26.49 -33.07
C PHE C 6 -30.86 26.26 -31.67
N GLU C 7 -32.11 26.65 -31.45
CA GLU C 7 -32.74 26.45 -30.14
C GLU C 7 -32.77 24.95 -29.84
N ASN C 8 -33.17 24.17 -30.85
CA ASN C 8 -33.13 22.71 -30.79
C ASN C 8 -31.75 22.19 -30.39
N GLN C 9 -30.75 22.64 -31.13
CA GLN C 9 -29.36 22.22 -30.96
C GLN C 9 -28.85 22.52 -29.56
N LYS C 10 -29.23 23.70 -29.07
CA LYS C 10 -28.84 24.18 -27.76
C LYS C 10 -29.51 23.34 -26.67
N GLU C 11 -30.75 22.92 -26.91
CA GLU C 11 -31.41 22.02 -25.96
C GLU C 11 -30.72 20.67 -25.88
N LEU C 12 -30.43 20.07 -27.04
CA LEU C 12 -29.68 18.79 -27.07
C LEU C 12 -28.35 18.89 -26.31
N THR C 13 -27.60 19.93 -26.65
CA THR C 13 -26.33 20.22 -26.01
C THR C 13 -26.48 20.34 -24.49
N LYS C 14 -27.47 21.12 -24.05
CA LYS C 14 -27.68 21.32 -22.62
C LYS C 14 -28.02 20.01 -21.91
N MET C 15 -28.82 19.17 -22.56
CA MET C 15 -29.16 17.86 -22.02
C MET C 15 -27.89 17.07 -21.74
N GLN C 16 -27.01 17.00 -22.74
CA GLN C 16 -25.75 16.29 -22.54
C GLN C 16 -24.90 16.89 -21.43
N LEU C 17 -24.74 18.22 -21.43
CA LEU C 17 -23.89 18.88 -20.44
C LEU C 17 -24.41 18.70 -19.01
N ASP C 18 -25.72 18.80 -18.82
CA ASP C 18 -26.33 18.60 -17.51
C ASP C 18 -26.13 17.17 -17.06
N ASN C 19 -26.31 16.22 -17.98
CA ASN C 19 -26.10 14.81 -17.62
C ASN C 19 -24.67 14.55 -17.16
N GLN C 20 -23.70 15.06 -17.92
CA GLN C 20 -22.30 14.92 -17.56
C GLN C 20 -21.97 15.55 -16.21
N LYS C 21 -22.50 16.75 -15.98
CA LYS C 21 -22.31 17.41 -14.68
C LYS C 21 -22.90 16.60 -13.52
N GLU C 22 -24.12 16.07 -13.70
CA GLU C 22 -24.73 15.23 -12.68
C GLU C 22 -23.92 13.96 -12.40
N ILE C 23 -23.44 13.30 -13.45
CA ILE C 23 -22.60 12.11 -13.27
C ILE C 23 -21.33 12.45 -12.48
N ALA C 24 -20.69 13.56 -12.85
CA ALA C 24 -19.49 13.99 -12.12
C ALA C 24 -19.78 14.27 -10.64
N GLU C 25 -20.89 14.95 -10.38
CA GLU C 25 -21.29 15.24 -9.00
C GLU C 25 -21.55 13.96 -8.20
N MET C 26 -22.22 12.99 -8.82
CA MET C 26 -22.46 11.69 -8.19
C MET C 26 -21.15 10.97 -7.85
N GLN C 27 -20.20 11.06 -8.76
CA GLN C 27 -18.91 10.41 -8.51
C GLN C 27 -18.17 11.12 -7.37
N ASN C 28 -18.21 12.46 -7.36
CA ASN C 28 -17.54 13.21 -6.29
C ASN C 28 -18.14 12.89 -4.93
N GLU C 29 -19.47 12.88 -4.86
CA GLU C 29 -20.16 12.54 -3.61
C GLU C 29 -19.78 11.13 -3.16
N THR C 30 -19.78 10.18 -4.11
CA THR C 30 -19.41 8.79 -3.80
C THR C 30 -17.99 8.68 -3.23
N GLN C 31 -17.04 9.38 -3.88
CA GLN C 31 -15.65 9.38 -3.42
C GLN C 31 -15.54 9.96 -2.00
N LYS C 32 -16.29 11.02 -1.72
CA LYS C 32 -16.27 11.60 -0.38
C LYS C 32 -16.88 10.67 0.68
N GLU C 33 -17.97 9.99 0.33
CA GLU C 33 -18.60 9.05 1.25
C GLU C 33 -17.65 7.90 1.58
N ILE C 34 -17.00 7.39 0.55
CA ILE C 34 -16.03 6.31 0.75
C ILE C 34 -14.87 6.78 1.62
N ALA C 35 -14.37 8.00 1.36
CA ALA C 35 -13.30 8.54 2.19
C ALA C 35 -13.75 8.69 3.65
N GLY C 36 -15.01 9.05 3.86
CA GLY C 36 -15.54 9.14 5.21
C GLY C 36 -15.53 7.78 5.91
N ILE C 37 -15.91 6.74 5.16
CA ILE C 37 -15.91 5.38 5.73
C ILE C 37 -14.50 4.91 6.08
N GLN C 38 -13.56 5.16 5.17
CA GLN C 38 -12.17 4.79 5.41
C GLN C 38 -11.60 5.55 6.61
N SER C 39 -11.88 6.85 6.69
CA SER C 39 -11.42 7.65 7.84
C SER C 39 -11.99 7.16 9.18
N ALA C 40 -13.31 6.92 9.23
CA ALA C 40 -13.94 6.48 10.46
C ALA C 40 -13.36 5.14 10.90
N THR C 41 -13.17 4.26 9.92
CA THR C 41 -12.62 2.93 10.19
C THR C 41 -11.18 3.03 10.73
N SER C 42 -10.34 3.82 10.06
CA SER C 42 -8.96 4.01 10.49
C SER C 42 -8.88 4.58 11.92
N ARG C 43 -9.68 5.62 12.19
CA ARG C 43 -9.74 6.22 13.52
C ARG C 43 -10.13 5.19 14.59
N GLN C 44 -11.20 4.41 14.33
CA GLN C 44 -11.65 3.43 15.33
C GLN C 44 -10.63 2.31 15.54
N ASN C 45 -9.99 1.87 14.46
CA ASN C 45 -8.94 0.85 14.58
C ASN C 45 -7.81 1.37 15.48
N THR C 46 -7.44 2.63 15.28
CA THR C 46 -6.32 3.20 16.03
C THR C 46 -6.67 3.28 17.51
N LYS C 47 -7.91 3.69 17.80
CA LYS C 47 -8.36 3.73 19.18
C LYS C 47 -8.31 2.34 19.84
N ASP C 48 -8.78 1.33 19.10
CA ASP C 48 -8.78 -0.04 19.62
C ASP C 48 -7.35 -0.49 19.88
N GLN C 49 -6.44 -0.14 18.99
CA GLN C 49 -5.05 -0.58 19.12
C GLN C 49 -4.33 0.08 20.29
N VAL C 50 -4.57 1.37 20.51
CA VAL C 50 -3.82 2.08 21.55
C VAL C 50 -4.44 1.95 22.95
N TYR C 51 -5.65 1.36 23.00
CA TYR C 51 -6.34 1.20 24.29
C TYR C 51 -5.47 0.60 25.43
N ALA C 52 -4.83 -0.54 25.18
CA ALA C 52 -4.09 -1.21 26.25
C ALA C 52 -2.91 -0.40 26.77
N GLN C 53 -2.10 0.15 25.86
CA GLN C 53 -0.93 0.91 26.27
C GLN C 53 -1.34 2.17 27.02
N ASN C 54 -2.46 2.76 26.59
CA ASN C 54 -2.97 3.94 27.26
C ASN C 54 -3.43 3.59 28.66
N GLU C 55 -4.08 2.43 28.81
CA GLU C 55 -4.57 1.99 30.10
C GLU C 55 -3.45 1.53 31.04
N MET C 56 -2.29 1.15 30.48
CA MET C 56 -1.15 0.76 31.32
C MET C 56 -0.39 1.98 31.82
N LEU C 57 -0.51 3.08 31.07
CA LEU C 57 0.21 4.32 31.40
C LEU C 57 0.32 4.70 32.88
N ALA C 58 -0.83 4.88 33.56
CA ALA C 58 -0.83 5.31 34.96
C ALA C 58 -0.10 4.32 35.86
N TYR C 59 -0.22 3.04 35.54
CA TYR C 59 0.43 2.00 36.32
C TYR C 59 1.95 2.06 36.16
N GLN C 60 2.40 2.19 34.92
CA GLN C 60 3.83 2.27 34.64
C GLN C 60 4.44 3.53 35.27
N GLN C 61 3.67 4.61 35.28
CA GLN C 61 4.15 5.85 35.87
C GLN C 61 4.32 5.69 37.38
N LYS C 62 3.26 5.18 38.03
CA LYS C 62 3.32 4.96 39.47
C LYS C 62 4.49 4.03 39.83
N GLU C 63 4.67 2.96 39.06
CA GLU C 63 5.72 1.99 39.36
C GLU C 63 7.11 2.60 39.19
N SER C 64 7.30 3.33 38.10
CA SER C 64 8.58 4.00 37.86
C SER C 64 8.92 4.95 39.02
N THR C 65 7.92 5.72 39.45
CA THR C 65 8.14 6.64 40.58
C THR C 65 8.54 5.88 41.85
N ALA C 66 7.85 4.78 42.12
CA ALA C 66 8.21 3.92 43.25
C ALA C 66 9.67 3.45 43.18
N ARG C 67 10.06 2.94 42.01
CA ARG C 67 11.43 2.45 41.83
C ARG C 67 12.43 3.58 42.04
N VAL C 68 12.15 4.75 41.49
CA VAL C 68 13.03 5.90 41.65
C VAL C 68 13.22 6.22 43.12
N ALA C 69 12.12 6.20 43.87
CA ALA C 69 12.20 6.45 45.32
C ALA C 69 13.15 5.46 45.98
N SER C 70 12.96 4.18 45.68
CA SER C 70 13.78 3.12 46.27
C SER C 70 15.27 3.25 45.90
N ILE C 71 15.53 3.44 44.61
CA ILE C 71 16.88 3.60 44.08
C ILE C 71 17.57 4.78 44.77
N MET C 72 16.97 5.96 44.66
CA MET C 72 17.56 7.15 45.26
C MET C 72 17.81 7.01 46.77
N GLU C 73 16.92 6.31 47.48
CA GLU C 73 17.17 6.06 48.90
C GLU C 73 18.43 5.20 49.09
N ASN C 74 18.43 4.06 48.40
CA ASN C 74 19.56 3.13 48.47
C ASN C 74 20.90 3.76 48.08
N THR C 75 20.84 4.78 47.22
CA THR C 75 22.04 5.47 46.77
C THR C 75 22.48 6.50 47.81
N ASN C 76 21.54 7.28 48.31
CA ASN C 76 21.83 8.35 49.26
C ASN C 76 22.34 7.85 50.60
N LEU C 77 21.97 6.62 50.98
CA LEU C 77 22.43 6.12 52.28
C LEU C 77 23.97 6.05 52.46
N SER C 78 24.72 6.17 51.36
CA SER C 78 26.17 6.01 51.43
C SER C 78 27.00 7.22 50.93
N LYS C 79 26.33 8.29 50.53
CA LYS C 79 27.03 9.47 50.02
C LYS C 79 27.23 10.56 51.09
N ASP D 3 -22.14 37.08 -39.14
CA ASP D 3 -22.08 35.64 -38.97
C ASP D 3 -22.95 35.17 -37.81
N ALA D 4 -24.25 35.05 -38.05
CA ALA D 4 -25.20 34.63 -37.03
C ALA D 4 -24.93 33.19 -36.59
N GLY D 5 -24.94 32.28 -37.56
CA GLY D 5 -24.68 30.88 -37.32
C GLY D 5 -23.36 30.64 -36.60
N PHE D 6 -22.38 31.49 -36.89
CA PHE D 6 -21.08 31.36 -36.24
C PHE D 6 -21.12 31.80 -34.78
N GLU D 7 -21.91 32.83 -34.47
CA GLU D 7 -22.03 33.27 -33.09
C GLU D 7 -22.80 32.24 -32.28
N ASN D 8 -23.78 31.62 -32.92
CA ASN D 8 -24.50 30.49 -32.33
C ASN D 8 -23.53 29.33 -32.05
N GLN D 9 -22.63 29.11 -33.00
CA GLN D 9 -21.61 28.07 -32.87
C GLN D 9 -20.69 28.34 -31.69
N LYS D 10 -20.19 29.58 -31.62
CA LYS D 10 -19.36 30.02 -30.51
C LYS D 10 -20.10 29.82 -29.20
N GLU D 11 -21.41 30.07 -29.21
CA GLU D 11 -22.20 29.91 -27.99
C GLU D 11 -22.24 28.46 -27.55
N LEU D 12 -22.64 27.55 -28.44
CA LEU D 12 -22.67 26.12 -28.11
C LEU D 12 -21.30 25.62 -27.63
N THR D 13 -20.28 25.93 -28.41
CA THR D 13 -18.89 25.59 -28.06
C THR D 13 -18.53 26.04 -26.66
N LYS D 14 -18.75 27.32 -26.37
CA LYS D 14 -18.43 27.87 -25.05
C LYS D 14 -19.25 27.20 -23.95
N MET D 15 -20.48 26.79 -24.26
CA MET D 15 -21.29 26.06 -23.29
C MET D 15 -20.56 24.77 -22.92
N GLN D 16 -20.08 24.06 -23.94
CA GLN D 16 -19.28 22.85 -23.70
C GLN D 16 -18.03 23.13 -22.85
N LEU D 17 -17.23 24.09 -23.29
CA LEU D 17 -15.96 24.40 -22.63
C LEU D 17 -16.16 24.79 -21.16
N ASP D 18 -17.14 25.65 -20.90
CA ASP D 18 -17.48 26.04 -19.54
C ASP D 18 -17.92 24.86 -18.70
N ASN D 19 -18.80 24.03 -19.24
CA ASN D 19 -19.22 22.84 -18.51
C ASN D 19 -18.03 21.95 -18.15
N GLN D 20 -17.14 21.71 -19.10
CA GLN D 20 -15.97 20.88 -18.84
C GLN D 20 -15.07 21.49 -17.76
N LYS D 21 -14.91 22.82 -17.81
CA LYS D 21 -14.07 23.50 -16.83
C LYS D 21 -14.67 23.43 -15.43
N GLU D 22 -16.00 23.59 -15.35
CA GLU D 22 -16.74 23.49 -14.09
C GLU D 22 -16.63 22.09 -13.47
N ILE D 23 -16.83 21.09 -14.31
CA ILE D 23 -16.71 19.70 -13.87
C ILE D 23 -15.31 19.42 -13.33
N ALA D 24 -14.29 19.84 -14.06
CA ALA D 24 -12.90 19.68 -13.63
C ALA D 24 -12.62 20.39 -12.30
N GLU D 25 -13.08 21.64 -12.19
CA GLU D 25 -12.91 22.40 -10.95
C GLU D 25 -13.52 21.67 -9.75
N MET D 26 -14.75 21.17 -9.91
CA MET D 26 -15.40 20.45 -8.81
C MET D 26 -14.66 19.14 -8.47
N GLN D 27 -14.14 18.47 -9.49
CA GLN D 27 -13.33 17.28 -9.23
C GLN D 27 -12.05 17.62 -8.45
N ASN D 28 -11.35 18.69 -8.87
CA ASN D 28 -10.14 19.11 -8.17
C ASN D 28 -10.44 19.45 -6.70
N GLU D 29 -11.52 20.20 -6.48
CA GLU D 29 -11.95 20.52 -5.11
C GLU D 29 -12.22 19.26 -4.29
N THR D 30 -12.92 18.30 -4.90
CA THR D 30 -13.20 17.03 -4.23
C THR D 30 -11.91 16.31 -3.83
N GLN D 31 -10.95 16.24 -4.76
CA GLN D 31 -9.69 15.55 -4.48
C GLN D 31 -8.94 16.23 -3.34
N LYS D 32 -8.96 17.56 -3.32
CA LYS D 32 -8.29 18.28 -2.23
C LYS D 32 -8.97 18.02 -0.88
N GLU D 33 -10.30 18.04 -0.88
CA GLU D 33 -11.04 17.75 0.35
C GLU D 33 -10.71 16.36 0.88
N ILE D 34 -10.69 15.38 -0.02
CA ILE D 34 -10.38 14.02 0.37
C ILE D 34 -8.95 13.94 0.93
N ALA D 35 -8.01 14.62 0.28
CA ALA D 35 -6.64 14.63 0.78
C ALA D 35 -6.58 15.27 2.17
N GLY D 36 -7.46 16.23 2.41
CA GLY D 36 -7.50 16.91 3.69
C GLY D 36 -7.99 15.97 4.77
N ILE D 37 -9.02 15.20 4.45
CA ILE D 37 -9.54 14.18 5.36
C ILE D 37 -8.50 13.11 5.67
N GLN D 38 -7.82 12.64 4.63
CA GLN D 38 -6.79 11.63 4.80
C GLN D 38 -5.64 12.15 5.67
N SER D 39 -5.23 13.38 5.43
CA SER D 39 -4.15 14.01 6.20
C SER D 39 -4.56 14.18 7.66
N ALA D 40 -5.75 14.74 7.90
CA ALA D 40 -6.24 14.96 9.26
C ALA D 40 -6.31 13.65 10.02
N THR D 41 -6.78 12.61 9.32
CA THR D 41 -6.92 11.28 9.92
C THR D 41 -5.56 10.69 10.30
N SER D 42 -4.61 10.76 9.35
CA SER D 42 -3.27 10.24 9.56
C SER D 42 -2.56 10.96 10.72
N ARG D 43 -2.72 12.29 10.78
CA ARG D 43 -2.10 13.09 11.85
C ARG D 43 -2.69 12.69 13.20
N GLN D 44 -4.02 12.60 13.28
CA GLN D 44 -4.63 12.25 14.56
C GLN D 44 -4.30 10.82 14.99
N ASN D 45 -4.25 9.89 14.02
CA ASN D 45 -3.86 8.52 14.31
C ASN D 45 -2.46 8.49 14.90
N THR D 46 -1.56 9.27 14.28
CA THR D 46 -0.17 9.31 14.72
C THR D 46 -0.07 9.86 16.15
N LYS D 47 -0.80 10.94 16.41
CA LYS D 47 -0.79 11.51 17.76
C LYS D 47 -1.28 10.48 18.80
N ASP D 48 -2.36 9.77 18.47
CA ASP D 48 -2.90 8.75 19.37
C ASP D 48 -1.87 7.65 19.62
N GLN D 49 -1.14 7.26 18.57
CA GLN D 49 -0.16 6.17 18.72
C GLN D 49 1.02 6.57 19.59
N VAL D 50 1.48 7.83 19.47
CA VAL D 50 2.70 8.20 20.20
C VAL D 50 2.43 8.78 21.59
N TYR D 51 1.15 9.02 21.90
CA TYR D 51 0.77 9.51 23.23
C TYR D 51 1.46 8.81 24.43
N ALA D 52 1.36 7.48 24.50
CA ALA D 52 1.89 6.75 25.67
C ALA D 52 3.41 6.89 25.81
N GLN D 53 4.11 6.64 24.71
CA GLN D 53 5.53 6.94 24.53
C GLN D 53 5.95 8.27 25.14
N ASN D 54 5.31 9.31 24.62
CA ASN D 54 5.66 10.67 25.01
C ASN D 54 5.36 10.89 26.47
N GLU D 55 4.26 10.32 26.94
CA GLU D 55 3.86 10.52 28.34
C GLU D 55 4.83 9.80 29.29
N MET D 56 5.44 8.71 28.84
CA MET D 56 6.38 7.97 29.68
C MET D 56 7.78 8.61 29.69
N LEU D 57 8.07 9.39 28.65
CA LEU D 57 9.37 10.03 28.49
C LEU D 57 10.05 10.60 29.76
N ALA D 58 9.42 11.56 30.43
CA ALA D 58 10.00 12.20 31.60
C ALA D 58 10.29 11.20 32.73
N TYR D 59 9.41 10.21 32.87
CA TYR D 59 9.57 9.18 33.91
C TYR D 59 10.77 8.29 33.60
N GLN D 60 10.91 7.92 32.33
CA GLN D 60 12.02 7.08 31.89
C GLN D 60 13.36 7.80 32.01
N GLN D 61 13.36 9.11 31.71
CA GLN D 61 14.57 9.92 31.86
C GLN D 61 14.97 10.03 33.33
N LYS D 62 14.01 10.36 34.19
CA LYS D 62 14.30 10.47 35.62
C LYS D 62 14.84 9.15 36.17
N GLU D 63 14.18 8.04 35.79
CA GLU D 63 14.56 6.74 36.31
C GLU D 63 15.94 6.33 35.81
N SER D 64 16.22 6.63 34.56
CA SER D 64 17.55 6.38 33.98
C SER D 64 18.64 7.15 34.75
N THR D 65 18.44 8.45 34.91
CA THR D 65 19.39 9.25 35.68
C THR D 65 19.63 8.65 37.07
N ALA D 66 18.55 8.19 37.70
CA ALA D 66 18.67 7.54 39.00
C ALA D 66 19.53 6.28 38.91
N ARG D 67 19.28 5.45 37.89
CA ARG D 67 20.04 4.22 37.70
C ARG D 67 21.51 4.54 37.53
N VAL D 68 21.83 5.59 36.77
CA VAL D 68 23.21 5.99 36.55
C VAL D 68 23.88 6.38 37.87
N ALA D 69 23.19 7.21 38.65
CA ALA D 69 23.72 7.59 39.96
C ALA D 69 23.99 6.35 40.83
N SER D 70 23.04 5.41 40.86
CA SER D 70 23.21 4.18 41.63
C SER D 70 24.43 3.38 41.17
N ILE D 71 24.48 3.11 39.87
CA ILE D 71 25.57 2.34 39.25
C ILE D 71 26.92 2.95 39.60
N MET D 72 27.07 4.24 39.32
CA MET D 72 28.33 4.93 39.58
C MET D 72 28.72 4.95 41.05
N GLU D 73 27.74 5.09 41.93
CA GLU D 73 28.01 5.04 43.37
C GLU D 73 28.54 3.66 43.75
N ASN D 74 27.95 2.62 43.17
CA ASN D 74 28.39 1.26 43.47
C ASN D 74 29.79 0.94 42.95
N THR D 75 30.13 1.43 41.76
CA THR D 75 31.47 1.19 41.22
C THR D 75 32.55 2.04 41.89
N ASN D 76 32.20 3.25 42.33
CA ASN D 76 33.16 4.05 43.08
C ASN D 76 33.11 3.72 44.57
N LEU D 77 32.30 2.73 44.92
CA LEU D 77 32.39 2.10 46.23
C LEU D 77 33.53 1.09 46.18
N SER D 78 33.34 0.03 45.40
CA SER D 78 34.30 -1.05 45.27
C SER D 78 35.48 -0.69 44.39
N ASP E 3 -9.76 31.87 -45.95
CA ASP E 3 -11.22 31.84 -45.81
C ASP E 3 -11.65 32.41 -44.47
N ALA E 4 -12.75 33.17 -44.46
CA ALA E 4 -13.31 33.70 -43.23
C ALA E 4 -13.90 32.55 -42.41
N GLY E 5 -14.57 31.64 -43.10
CA GLY E 5 -15.04 30.41 -42.50
C GLY E 5 -13.88 29.68 -41.86
N PHE E 6 -12.73 29.71 -42.52
CA PHE E 6 -11.55 29.11 -41.94
C PHE E 6 -11.15 29.79 -40.65
N GLU E 7 -10.83 31.08 -40.69
CA GLU E 7 -10.35 31.78 -39.50
C GLU E 7 -11.34 31.68 -38.31
N ASN E 8 -12.63 31.60 -38.64
CA ASN E 8 -13.66 31.30 -37.65
C ASN E 8 -13.47 29.91 -37.03
N GLN E 9 -13.32 28.92 -37.91
CA GLN E 9 -13.13 27.54 -37.48
C GLN E 9 -11.86 27.42 -36.62
N LYS E 10 -10.83 28.16 -37.02
CA LYS E 10 -9.57 28.21 -36.30
C LYS E 10 -9.79 28.81 -34.93
N GLU E 11 -10.65 29.82 -34.86
CA GLU E 11 -10.95 30.43 -33.56
C GLU E 11 -11.64 29.44 -32.64
N LEU E 12 -12.69 28.77 -33.13
CA LEU E 12 -13.38 27.76 -32.33
C LEU E 12 -12.38 26.70 -31.82
N THR E 13 -11.60 26.16 -32.77
CA THR E 13 -10.58 25.16 -32.46
C THR E 13 -9.66 25.63 -31.34
N LYS E 14 -9.13 26.84 -31.51
CA LYS E 14 -8.25 27.46 -30.52
C LYS E 14 -8.92 27.55 -29.14
N MET E 15 -10.20 27.95 -29.12
CA MET E 15 -10.91 28.02 -27.85
C MET E 15 -10.92 26.66 -27.16
N GLN E 16 -11.26 25.62 -27.93
CA GLN E 16 -11.26 24.26 -27.38
C GLN E 16 -9.89 23.83 -26.85
N LEU E 17 -8.85 24.02 -27.66
CA LEU E 17 -7.49 23.60 -27.29
C LEU E 17 -6.98 24.31 -26.03
N ASP E 18 -7.22 25.62 -25.97
CA ASP E 18 -6.83 26.43 -24.82
C ASP E 18 -7.57 25.96 -23.57
N ASN E 19 -8.86 25.70 -23.71
CA ASN E 19 -9.65 25.21 -22.59
C ASN E 19 -9.09 23.88 -22.08
N GLN E 20 -8.77 22.97 -22.99
CA GLN E 20 -8.21 21.66 -22.62
C GLN E 20 -6.86 21.82 -21.90
N LYS E 21 -6.04 22.73 -22.39
CA LYS E 21 -4.74 22.99 -21.76
C LYS E 21 -4.90 23.58 -20.36
N GLU E 22 -5.83 24.52 -20.19
CA GLU E 22 -6.13 25.12 -18.89
C GLU E 22 -6.63 24.07 -17.89
N ILE E 23 -7.57 23.23 -18.34
CA ILE E 23 -8.08 22.17 -17.47
C ILE E 23 -6.93 21.27 -17.03
N ALA E 24 -6.09 20.88 -17.99
CA ALA E 24 -4.97 20.00 -17.66
C ALA E 24 -4.02 20.64 -16.64
N GLU E 25 -3.68 21.91 -16.88
CA GLU E 25 -2.83 22.67 -15.96
C GLU E 25 -3.40 22.73 -14.54
N MET E 26 -4.70 22.97 -14.42
CA MET E 26 -5.31 23.01 -13.08
C MET E 26 -5.32 21.64 -12.41
N GLN E 27 -5.48 20.58 -13.19
CA GLN E 27 -5.34 19.22 -12.64
C GLN E 27 -3.91 18.97 -12.15
N ASN E 28 -2.92 19.38 -12.94
CA ASN E 28 -1.51 19.22 -12.55
C ASN E 28 -1.21 19.96 -11.24
N GLU E 29 -1.68 21.20 -11.15
CA GLU E 29 -1.46 21.97 -9.91
C GLU E 29 -2.14 21.29 -8.74
N THR E 30 -3.37 20.80 -8.95
CA THR E 30 -4.10 20.10 -7.88
C THR E 30 -3.30 18.89 -7.38
N GLN E 31 -2.80 18.07 -8.31
CA GLN E 31 -2.04 16.88 -7.93
C GLN E 31 -0.76 17.25 -7.18
N LYS E 32 -0.10 18.34 -7.61
CA LYS E 32 1.09 18.78 -6.89
C LYS E 32 0.79 19.28 -5.48
N GLU E 33 -0.32 20.00 -5.33
CA GLU E 33 -0.75 20.46 -4.01
C GLU E 33 -1.02 19.27 -3.09
N ILE E 34 -1.73 18.27 -3.61
CA ILE E 34 -2.00 17.05 -2.84
C ILE E 34 -0.71 16.31 -2.46
N ALA E 35 0.24 16.20 -3.39
CA ALA E 35 1.54 15.61 -3.10
C ALA E 35 2.23 16.37 -1.96
N GLY E 36 2.07 17.69 -1.97
CA GLY E 36 2.63 18.55 -0.94
C GLY E 36 2.02 18.29 0.42
N ILE E 37 0.71 18.11 0.46
CA ILE E 37 0.01 17.74 1.69
C ILE E 37 0.45 16.38 2.23
N GLN E 38 0.50 15.40 1.34
CA GLN E 38 0.93 14.05 1.73
C GLN E 38 2.36 14.04 2.26
N SER E 39 3.24 14.79 1.60
CA SER E 39 4.61 14.91 2.04
C SER E 39 4.69 15.57 3.42
N ALA E 40 4.04 16.72 3.59
CA ALA E 40 4.09 17.41 4.89
C ALA E 40 3.55 16.52 6.02
N THR E 41 2.47 15.80 5.72
CA THR E 41 1.84 14.92 6.69
C THR E 41 2.79 13.79 7.08
N SER E 42 3.44 13.19 6.08
CA SER E 42 4.37 12.08 6.31
C SER E 42 5.62 12.51 7.10
N ARG E 43 6.17 13.68 6.75
CA ARG E 43 7.29 14.24 7.49
C ARG E 43 6.94 14.50 8.95
N GLN E 44 5.81 15.18 9.19
CA GLN E 44 5.42 15.48 10.56
C GLN E 44 5.11 14.21 11.38
N ASN E 45 4.47 13.24 10.73
CA ASN E 45 4.19 11.95 11.36
C ASN E 45 5.49 11.29 11.80
N THR E 46 6.47 11.32 10.90
CA THR E 46 7.76 10.68 11.21
C THR E 46 8.45 11.38 12.39
N LYS E 47 8.45 12.72 12.37
CA LYS E 47 9.01 13.47 13.50
C LYS E 47 8.33 13.12 14.83
N ASP E 48 7.00 13.05 14.81
CA ASP E 48 6.24 12.71 16.01
C ASP E 48 6.64 11.32 16.50
N GLN E 49 6.81 10.40 15.55
CA GLN E 49 7.10 9.02 15.92
C GLN E 49 8.49 8.86 16.52
N VAL E 50 9.50 9.52 15.94
CA VAL E 50 10.88 9.35 16.42
C VAL E 50 11.24 10.24 17.61
N TYR E 51 10.35 11.17 17.95
CA TYR E 51 10.58 12.08 19.07
C TYR E 51 11.09 11.42 20.36
N ALA E 52 10.36 10.41 20.86
CA ALA E 52 10.72 9.77 22.13
C ALA E 52 12.09 9.10 22.07
N GLN E 53 12.29 8.28 21.04
CA GLN E 53 13.59 7.69 20.67
C GLN E 53 14.73 8.68 20.84
N ASN E 54 14.57 9.80 20.15
CA ASN E 54 15.64 10.79 20.09
C ASN E 54 15.86 11.45 21.43
N GLU E 55 14.78 11.68 22.17
CA GLU E 55 14.91 12.30 23.49
C GLU E 55 15.52 11.33 24.51
N MET E 56 15.37 10.03 24.30
CA MET E 56 15.95 9.05 25.22
C MET E 56 17.43 8.76 24.90
N LEU E 57 17.82 9.05 23.66
CA LEU E 57 19.17 8.76 23.19
C LEU E 57 20.32 9.12 24.15
N ALA E 58 20.37 10.38 24.60
CA ALA E 58 21.45 10.84 25.48
C ALA E 58 21.47 10.06 26.80
N TYR E 59 20.28 9.74 27.29
CA TYR E 59 20.15 9.02 28.56
C TYR E 59 20.64 7.59 28.44
N GLN E 60 20.28 6.95 27.34
CA GLN E 60 20.70 5.59 27.07
C GLN E 60 22.21 5.53 26.89
N GLN E 61 22.77 6.56 26.25
CA GLN E 61 24.22 6.65 26.08
C GLN E 61 24.94 6.77 27.43
N LYS E 62 24.52 7.73 28.24
CA LYS E 62 25.13 7.89 29.55
C LYS E 62 25.01 6.62 30.40
N GLU E 63 23.83 6.01 30.37
CA GLU E 63 23.62 4.79 31.17
C GLU E 63 24.50 3.64 30.69
N SER E 64 24.69 3.54 29.38
CA SER E 64 25.58 2.50 28.83
C SER E 64 27.01 2.74 29.31
N THR E 65 27.48 3.97 29.18
CA THR E 65 28.80 4.34 29.64
C THR E 65 29.02 3.96 31.11
N ALA E 66 28.03 4.30 31.95
CA ALA E 66 28.09 3.92 33.37
C ALA E 66 28.18 2.41 33.54
N ARG E 67 27.34 1.67 32.80
CA ARG E 67 27.35 0.21 32.84
C ARG E 67 28.74 -0.36 32.50
N VAL E 68 29.35 0.20 31.46
CA VAL E 68 30.68 -0.22 31.01
C VAL E 68 31.70 0.03 32.10
N ALA E 69 31.63 1.19 32.75
CA ALA E 69 32.54 1.49 33.84
C ALA E 69 32.37 0.48 34.98
N SER E 70 31.11 0.10 35.24
CA SER E 70 30.82 -0.91 36.26
C SER E 70 31.45 -2.26 35.94
N ILE E 71 31.16 -2.73 34.74
CA ILE E 71 31.70 -3.99 34.24
C ILE E 71 33.21 -4.01 34.35
N MET E 72 33.85 -2.95 33.86
CA MET E 72 35.32 -2.87 33.92
C MET E 72 35.82 -2.91 35.36
N GLU E 73 35.15 -2.18 36.25
CA GLU E 73 35.54 -2.18 37.67
C GLU E 73 35.46 -3.58 38.28
N ASN E 74 34.39 -4.30 38.00
CA ASN E 74 34.16 -5.60 38.61
C ASN E 74 35.10 -6.71 38.13
N THR E 75 35.71 -6.51 36.96
CA THR E 75 36.75 -7.42 36.49
C THR E 75 38.00 -7.26 37.36
N ASN E 76 38.80 -8.31 37.47
CA ASN E 76 39.99 -8.29 38.32
C ASN E 76 41.30 -8.17 37.57
N LEU E 77 41.24 -8.37 36.26
CA LEU E 77 42.45 -8.41 35.44
C LEU E 77 42.77 -7.07 34.78
N SER E 78 44.04 -6.85 34.47
CA SER E 78 44.49 -5.70 33.68
C SER E 78 44.15 -4.36 34.34
N ASP F 3 -5.69 20.90 -52.20
CA ASP F 3 -6.86 21.63 -51.77
C ASP F 3 -6.43 22.68 -50.74
N ALA F 4 -6.89 23.92 -50.91
CA ALA F 4 -6.68 24.95 -49.89
C ALA F 4 -7.42 24.51 -48.64
N GLY F 5 -8.57 23.89 -48.85
CA GLY F 5 -9.35 23.27 -47.80
C GLY F 5 -8.53 22.18 -47.10
N PHE F 6 -7.77 21.41 -47.88
CA PHE F 6 -6.93 20.39 -47.28
C PHE F 6 -5.82 21.01 -46.46
N GLU F 7 -5.24 22.11 -46.95
CA GLU F 7 -4.14 22.76 -46.23
C GLU F 7 -4.64 23.30 -44.88
N ASN F 8 -5.80 23.95 -44.93
CA ASN F 8 -6.44 24.46 -43.73
C ASN F 8 -6.76 23.32 -42.76
N GLN F 9 -7.25 22.21 -43.31
CA GLN F 9 -7.60 21.03 -42.52
C GLN F 9 -6.37 20.47 -41.81
N LYS F 10 -5.27 20.41 -42.55
CA LYS F 10 -4.01 19.90 -42.04
C LYS F 10 -3.50 20.82 -40.94
N GLU F 11 -3.71 22.12 -41.12
CA GLU F 11 -3.34 23.10 -40.11
C GLU F 11 -4.11 22.91 -38.80
N LEU F 12 -5.44 22.81 -38.89
CA LEU F 12 -6.25 22.55 -37.70
C LEU F 12 -5.81 21.25 -37.01
N THR F 13 -5.56 20.23 -37.83
CA THR F 13 -5.13 18.93 -37.31
C THR F 13 -3.84 19.08 -36.52
N LYS F 14 -2.85 19.74 -37.12
CA LYS F 14 -1.56 19.93 -36.45
C LYS F 14 -1.73 20.70 -35.15
N MET F 15 -2.59 21.70 -35.14
CA MET F 15 -2.82 22.46 -33.91
C MET F 15 -3.32 21.53 -32.81
N GLN F 16 -4.29 20.68 -33.17
CA GLN F 16 -4.83 19.71 -32.22
C GLN F 16 -3.76 18.73 -31.71
N LEU F 17 -2.98 18.18 -32.63
CA LEU F 17 -1.97 17.19 -32.27
C LEU F 17 -0.87 17.77 -31.38
N ASP F 18 -0.45 18.99 -31.70
CA ASP F 18 0.55 19.67 -30.87
C ASP F 18 0.00 19.96 -29.48
N ASN F 19 -1.25 20.39 -29.40
CA ASN F 19 -1.86 20.65 -28.10
C ASN F 19 -1.90 19.38 -27.25
N GLN F 20 -2.32 18.26 -27.86
CA GLN F 20 -2.33 16.97 -27.17
C GLN F 20 -0.93 16.55 -26.69
N LYS F 21 0.07 16.78 -27.53
CA LYS F 21 1.44 16.42 -27.14
C LYS F 21 1.95 17.29 -25.98
N GLU F 22 1.66 18.58 -26.01
CA GLU F 22 2.07 19.47 -24.92
C GLU F 22 1.38 19.12 -23.61
N ILE F 23 0.08 18.82 -23.67
CA ILE F 23 -0.65 18.45 -22.47
C ILE F 23 -0.06 17.17 -21.88
N ALA F 24 0.24 16.21 -22.75
CA ALA F 24 0.86 14.96 -22.31
C ALA F 24 2.23 15.21 -21.66
N GLU F 25 3.03 16.07 -22.29
CA GLU F 25 4.35 16.41 -21.77
C GLU F 25 4.26 17.03 -20.38
N MET F 26 3.30 17.95 -20.21
CA MET F 26 3.10 18.62 -18.92
C MET F 26 2.65 17.63 -17.84
N GLN F 27 1.78 16.70 -18.22
CA GLN F 27 1.36 15.67 -17.29
C GLN F 27 2.54 14.76 -16.88
N ASN F 28 3.35 14.35 -17.85
CA ASN F 28 4.52 13.52 -17.54
C ASN F 28 5.51 14.22 -16.61
N GLU F 29 5.79 15.49 -16.89
CA GLU F 29 6.67 16.28 -16.03
C GLU F 29 6.09 16.38 -14.62
N THR F 30 4.77 16.54 -14.53
CA THR F 30 4.10 16.59 -13.23
C THR F 30 4.27 15.27 -12.46
N GLN F 31 4.04 14.13 -13.12
CA GLN F 31 4.18 12.85 -12.45
C GLN F 31 5.61 12.62 -11.97
N LYS F 32 6.58 13.03 -12.78
CA LYS F 32 7.98 12.91 -12.37
C LYS F 32 8.34 13.81 -11.18
N GLU F 33 7.85 15.06 -11.18
CA GLU F 33 8.09 15.93 -10.03
C GLU F 33 7.47 15.36 -8.76
N ILE F 34 6.28 14.79 -8.89
CA ILE F 34 5.63 14.19 -7.73
C ILE F 34 6.44 12.99 -7.23
N ALA F 35 6.94 12.18 -8.17
CA ALA F 35 7.82 11.08 -7.79
C ALA F 35 9.07 11.60 -7.06
N GLY F 36 9.60 12.74 -7.52
CA GLY F 36 10.73 13.35 -6.86
C GLY F 36 10.40 13.73 -5.42
N ILE F 37 9.22 14.30 -5.22
CA ILE F 37 8.80 14.72 -3.89
C ILE F 37 8.63 13.51 -2.97
N GLN F 38 7.99 12.47 -3.49
CA GLN F 38 7.79 11.23 -2.76
C GLN F 38 9.13 10.60 -2.36
N SER F 39 10.08 10.59 -3.29
CA SER F 39 11.41 10.04 -3.02
C SER F 39 12.12 10.83 -1.93
N ALA F 40 12.12 12.15 -2.05
CA ALA F 40 12.83 12.99 -1.08
C ALA F 40 12.24 12.79 0.32
N THR F 41 10.92 12.72 0.37
CA THR F 41 10.21 12.53 1.62
C THR F 41 10.60 11.20 2.26
N SER F 42 10.54 10.13 1.47
CA SER F 42 10.88 8.79 1.97
C SER F 42 12.34 8.67 2.43
N ARG F 43 13.27 9.27 1.69
CA ARG F 43 14.67 9.29 2.11
C ARG F 43 14.83 10.01 3.46
N GLN F 44 14.21 11.19 3.58
CA GLN F 44 14.38 11.95 4.82
C GLN F 44 13.73 11.24 6.03
N ASN F 45 12.55 10.65 5.79
CA ASN F 45 11.88 9.88 6.84
C ASN F 45 12.80 8.75 7.30
N THR F 46 13.42 8.06 6.34
CA THR F 46 14.30 6.95 6.69
C THR F 46 15.50 7.42 7.53
N LYS F 47 16.12 8.52 7.12
CA LYS F 47 17.23 9.07 7.91
C LYS F 47 16.82 9.40 9.35
N ASP F 48 15.66 10.07 9.49
CA ASP F 48 15.11 10.40 10.82
C ASP F 48 14.88 9.15 11.65
N GLN F 49 14.39 8.09 11.01
CA GLN F 49 14.08 6.86 11.72
C GLN F 49 15.32 6.13 12.21
N VAL F 50 16.34 6.04 11.36
CA VAL F 50 17.53 5.29 11.77
C VAL F 50 18.53 6.10 12.59
N TYR F 51 18.27 7.41 12.77
CA TYR F 51 19.19 8.25 13.56
C TYR F 51 19.60 7.66 14.94
N ALA F 52 18.61 7.36 15.79
CA ALA F 52 18.88 6.86 17.14
C ALA F 52 19.69 5.56 17.14
N GLN F 53 19.25 4.59 16.33
CA GLN F 53 19.99 3.36 16.02
C GLN F 53 21.47 3.61 15.80
N ASN F 54 21.70 4.44 14.79
CA ASN F 54 23.07 4.69 14.34
C ASN F 54 23.87 5.40 15.41
N GLU F 55 23.20 6.21 16.22
CA GLU F 55 23.91 6.94 17.27
C GLU F 55 24.23 6.04 18.47
N MET F 56 23.46 4.98 18.65
CA MET F 56 23.73 4.01 19.72
C MET F 56 24.81 3.01 19.36
N LEU F 57 25.05 2.83 18.06
CA LEU F 57 26.09 1.87 17.60
C LEU F 57 27.40 1.79 18.43
N ALA F 58 28.15 2.88 18.46
CA ALA F 58 29.44 2.93 19.16
C ALA F 58 29.35 2.50 20.63
N TYR F 59 28.25 2.91 21.27
CA TYR F 59 28.03 2.60 22.67
C TYR F 59 27.75 1.11 22.87
N GLN F 60 26.86 0.56 22.05
CA GLN F 60 26.54 -0.87 22.14
C GLN F 60 27.78 -1.74 21.85
N GLN F 61 28.63 -1.26 20.94
CA GLN F 61 29.83 -1.98 20.56
C GLN F 61 30.80 -1.98 21.74
N LYS F 62 30.96 -0.82 22.37
CA LYS F 62 31.81 -0.74 23.55
C LYS F 62 31.30 -1.66 24.66
N GLU F 63 29.99 -1.61 24.91
CA GLU F 63 29.43 -2.41 26.00
C GLU F 63 29.60 -3.90 25.73
N SER F 64 29.47 -4.29 24.45
CA SER F 64 29.68 -5.70 24.09
C SER F 64 31.13 -6.09 24.35
N THR F 65 32.06 -5.23 23.97
CA THR F 65 33.46 -5.52 24.20
C THR F 65 33.76 -5.73 25.69
N ALA F 66 33.22 -4.85 26.53
CA ALA F 66 33.39 -4.99 27.97
C ALA F 66 32.79 -6.32 28.47
N ARG F 67 31.58 -6.63 27.98
CA ARG F 67 30.94 -7.89 28.31
C ARG F 67 31.87 -9.07 27.99
N VAL F 68 32.52 -9.02 26.84
CA VAL F 68 33.43 -10.11 26.45
C VAL F 68 34.60 -10.23 27.41
N ALA F 69 35.18 -9.08 27.79
CA ALA F 69 36.29 -9.10 28.75
C ALA F 69 35.88 -9.69 30.09
N SER F 70 34.64 -9.43 30.49
CA SER F 70 34.13 -9.99 31.75
C SER F 70 33.89 -11.49 31.61
N ILE F 71 33.22 -11.86 30.52
CA ILE F 71 32.87 -13.24 30.22
C ILE F 71 34.07 -14.17 30.24
N MET F 72 35.16 -13.76 29.61
CA MET F 72 36.27 -14.71 29.50
C MET F 72 37.15 -14.73 30.74
N GLU F 73 36.79 -13.92 31.72
CA GLU F 73 37.54 -13.80 32.95
C GLU F 73 36.91 -14.67 34.03
N ASN F 74 35.81 -15.33 33.68
CA ASN F 74 35.16 -16.27 34.59
C ASN F 74 34.93 -17.65 33.96
N VAL G 2 -5.33 9.26 -60.21
CA VAL G 2 -5.45 8.49 -58.98
C VAL G 2 -6.54 9.05 -58.07
N ASP G 3 -6.32 8.96 -56.77
CA ASP G 3 -7.23 9.54 -55.79
C ASP G 3 -6.43 10.45 -54.84
N ALA G 4 -6.28 11.71 -55.24
CA ALA G 4 -5.51 12.67 -54.46
C ALA G 4 -6.17 12.98 -53.11
N GLY G 5 -7.50 13.02 -53.11
CA GLY G 5 -8.26 13.16 -51.88
C GLY G 5 -7.85 12.07 -50.91
N PHE G 6 -7.69 10.86 -51.43
CA PHE G 6 -7.24 9.76 -50.58
C PHE G 6 -5.83 9.98 -50.07
N GLU G 7 -4.94 10.48 -50.93
CA GLU G 7 -3.55 10.69 -50.51
C GLU G 7 -3.49 11.69 -49.34
N ASN G 8 -4.28 12.76 -49.48
CA ASN G 8 -4.48 13.72 -48.41
C ASN G 8 -4.95 13.06 -47.12
N GLN G 9 -6.07 12.34 -47.22
CA GLN G 9 -6.64 11.60 -46.09
C GLN G 9 -5.60 10.71 -45.41
N LYS G 10 -4.81 10.01 -46.22
CA LYS G 10 -3.78 9.12 -45.71
C LYS G 10 -2.74 9.91 -44.93
N GLU G 11 -2.39 11.09 -45.44
CA GLU G 11 -1.41 11.92 -44.73
C GLU G 11 -1.95 12.38 -43.38
N LEU G 12 -3.19 12.85 -43.35
CA LEU G 12 -3.81 13.28 -42.09
C LEU G 12 -3.84 12.14 -41.08
N THR G 13 -4.22 10.96 -41.56
CA THR G 13 -4.31 9.79 -40.70
C THR G 13 -2.94 9.43 -40.14
N LYS G 14 -1.92 9.46 -40.99
CA LYS G 14 -0.55 9.19 -40.53
C LYS G 14 -0.09 10.21 -39.47
N MET G 15 -0.42 11.49 -39.66
CA MET G 15 -0.08 12.51 -38.66
C MET G 15 -0.69 12.14 -37.31
N GLN G 16 -1.98 11.79 -37.33
CA GLN G 16 -2.65 11.41 -36.10
C GLN G 16 -2.04 10.17 -35.45
N LEU G 17 -1.82 9.11 -36.23
CA LEU G 17 -1.32 7.86 -35.69
C LEU G 17 0.09 8.04 -35.12
N ASP G 18 0.95 8.76 -35.85
CA ASP G 18 2.31 9.06 -35.40
C ASP G 18 2.27 9.81 -34.08
N ASN G 19 1.38 10.80 -33.99
CA ASN G 19 1.20 11.55 -32.74
C ASN G 19 0.80 10.65 -31.56
N GLN G 20 -0.23 9.82 -31.78
CA GLN G 20 -0.70 8.92 -30.73
C GLN G 20 0.43 8.02 -30.25
N LYS G 21 1.19 7.48 -31.20
CA LYS G 21 2.29 6.57 -30.88
C LYS G 21 3.38 7.29 -30.08
N GLU G 22 3.71 8.51 -30.51
CA GLU G 22 4.70 9.29 -29.78
C GLU G 22 4.27 9.54 -28.33
N ILE G 23 3.03 10.00 -28.14
CA ILE G 23 2.49 10.23 -26.79
C ILE G 23 2.57 8.97 -25.93
N ALA G 24 2.21 7.83 -26.51
CA ALA G 24 2.29 6.56 -25.80
C ALA G 24 3.73 6.22 -25.38
N GLU G 25 4.68 6.46 -26.28
CA GLU G 25 6.10 6.27 -25.97
C GLU G 25 6.60 7.19 -24.84
N MET G 26 6.19 8.46 -24.88
CA MET G 26 6.54 9.42 -23.82
C MET G 26 6.02 8.96 -22.45
N GLN G 27 4.78 8.48 -22.43
CA GLN G 27 4.20 7.95 -21.20
C GLN G 27 4.93 6.69 -20.69
N ASN G 28 5.21 5.75 -21.60
CA ASN G 28 5.98 4.54 -21.25
C ASN G 28 7.35 4.90 -20.64
N GLU G 29 8.05 5.82 -21.29
CA GLU G 29 9.36 6.26 -20.79
C GLU G 29 9.25 6.93 -19.43
N THR G 30 8.23 7.76 -19.25
CA THR G 30 7.96 8.41 -17.96
C THR G 30 7.72 7.36 -16.85
N GLN G 31 6.88 6.37 -17.14
CA GLN G 31 6.56 5.35 -16.15
C GLN G 31 7.83 4.56 -15.78
N LYS G 32 8.65 4.28 -16.78
CA LYS G 32 9.91 3.60 -16.52
C LYS G 32 10.86 4.43 -15.65
N GLU G 33 10.95 5.73 -15.91
CA GLU G 33 11.81 6.60 -15.10
C GLU G 33 11.33 6.69 -13.66
N ILE G 34 10.01 6.76 -13.48
CA ILE G 34 9.44 6.77 -12.14
C ILE G 34 9.73 5.45 -11.41
N ALA G 35 9.63 4.34 -12.12
CA ALA G 35 10.00 3.05 -11.55
C ALA G 35 11.48 3.06 -11.13
N GLY G 36 12.34 3.67 -11.96
CA GLY G 36 13.75 3.80 -11.61
C GLY G 36 13.97 4.59 -10.32
N ILE G 37 13.27 5.71 -10.20
CA ILE G 37 13.36 6.56 -9.01
C ILE G 37 12.90 5.81 -7.74
N GLN G 38 11.76 5.13 -7.86
CA GLN G 38 11.22 4.35 -6.74
C GLN G 38 12.17 3.22 -6.32
N SER G 39 12.75 2.53 -7.30
CA SER G 39 13.69 1.46 -7.00
C SER G 39 14.94 1.99 -6.31
N ALA G 40 15.56 3.04 -6.86
CA ALA G 40 16.77 3.59 -6.26
C ALA G 40 16.51 4.06 -4.82
N THR G 41 15.36 4.70 -4.62
CA THR G 41 14.96 5.16 -3.29
C THR G 41 14.80 3.98 -2.32
N SER G 42 14.13 2.93 -2.80
CA SER G 42 13.89 1.75 -1.97
C SER G 42 15.20 1.04 -1.57
N ARG G 43 16.11 0.92 -2.54
CA ARG G 43 17.40 0.31 -2.28
C ARG G 43 18.19 1.12 -1.23
N GLN G 44 18.23 2.43 -1.41
CA GLN G 44 19.00 3.26 -0.47
C GLN G 44 18.39 3.24 0.94
N ASN G 45 17.05 3.28 1.00
CA ASN G 45 16.35 3.20 2.27
C ASN G 45 16.73 1.91 2.99
N THR G 46 16.73 0.80 2.23
CA THR G 46 17.01 -0.50 2.82
C THR G 46 18.44 -0.55 3.37
N LYS G 47 19.40 -0.05 2.59
CA LYS G 47 20.78 0.01 3.05
C LYS G 47 20.90 0.81 4.35
N ASP G 48 20.26 1.98 4.39
CA ASP G 48 20.28 2.80 5.60
C ASP G 48 19.68 2.06 6.79
N GLN G 49 18.63 1.28 6.53
CA GLN G 49 17.93 0.57 7.58
C GLN G 49 18.75 -0.58 8.16
N VAL G 50 19.46 -1.32 7.32
CA VAL G 50 20.20 -2.48 7.82
C VAL G 50 21.63 -2.13 8.25
N TYR G 51 22.03 -0.88 8.06
CA TYR G 51 23.36 -0.46 8.51
C TYR G 51 23.73 -0.87 9.95
N ALA G 52 22.92 -0.48 10.94
CA ALA G 52 23.23 -0.76 12.36
C ALA G 52 23.38 -2.26 12.65
N GLN G 53 22.36 -3.02 12.24
CA GLN G 53 22.36 -4.48 12.20
C GLN G 53 23.68 -5.10 11.77
N ASN G 54 24.06 -4.69 10.56
CA ASN G 54 25.25 -5.24 9.92
C ASN G 54 26.50 -4.82 10.68
N GLU G 55 26.46 -3.64 11.29
CA GLU G 55 27.62 -3.15 12.05
C GLU G 55 27.76 -3.82 13.43
N MET G 56 26.65 -4.33 13.98
CA MET G 56 26.71 -5.05 15.24
C MET G 56 27.09 -6.51 15.05
N LEU G 57 26.86 -7.03 13.84
CA LEU G 57 27.12 -8.44 13.54
C LEU G 57 28.42 -9.03 14.14
N ALA G 58 29.56 -8.42 13.83
CA ALA G 58 30.85 -8.97 14.24
C ALA G 58 31.01 -9.01 15.77
N TYR G 59 30.45 -8.00 16.44
CA TYR G 59 30.49 -7.94 17.90
C TYR G 59 29.61 -9.04 18.49
N GLN G 60 28.40 -9.19 17.95
CA GLN G 60 27.49 -10.19 18.46
C GLN G 60 28.05 -11.61 18.25
N GLN G 61 28.74 -11.81 17.14
CA GLN G 61 29.37 -13.09 16.85
C GLN G 61 30.51 -13.36 17.84
N LYS G 62 31.36 -12.35 18.01
CA LYS G 62 32.48 -12.43 18.95
C LYS G 62 32.00 -12.76 20.37
N GLU G 63 30.97 -12.04 20.81
CA GLU G 63 30.42 -12.23 22.15
C GLU G 63 29.80 -13.62 22.31
N SER G 64 29.06 -14.08 21.29
CA SER G 64 28.53 -15.43 21.30
C SER G 64 29.63 -16.49 21.41
N THR G 65 30.73 -16.29 20.68
CA THR G 65 31.87 -17.21 20.69
C THR G 65 32.49 -17.29 22.09
N ALA G 66 32.64 -16.11 22.71
CA ALA G 66 33.20 -16.07 24.06
C ALA G 66 32.28 -16.78 25.02
N ARG G 67 30.98 -16.58 24.85
CA ARG G 67 30.01 -17.25 25.71
C ARG G 67 30.12 -18.76 25.58
N VAL G 68 30.24 -19.26 24.36
CA VAL G 68 30.42 -20.70 24.16
C VAL G 68 31.65 -21.20 24.92
N ALA G 69 32.78 -20.51 24.78
CA ALA G 69 34.01 -20.97 25.45
C ALA G 69 33.82 -20.98 26.96
N SER G 70 33.21 -19.91 27.48
CA SER G 70 32.96 -19.79 28.91
C SER G 70 32.11 -20.95 29.41
N ILE G 71 31.04 -21.24 28.67
CA ILE G 71 30.14 -22.33 29.03
C ILE G 71 30.93 -23.64 29.09
N MET G 72 31.78 -23.87 28.09
CA MET G 72 32.60 -25.08 28.08
C MET G 72 33.55 -25.14 29.30
N GLU G 73 34.09 -24.00 29.72
CA GLU G 73 35.00 -24.00 30.87
C GLU G 73 34.27 -24.21 32.20
N ASN G 74 33.04 -23.68 32.30
CA ASN G 74 32.26 -23.79 33.53
C ASN G 74 31.41 -25.05 33.57
N THR G 75 31.61 -25.93 32.60
CA THR G 75 30.88 -27.19 32.54
C THR G 75 31.79 -28.30 33.06
N ASN G 76 31.43 -28.86 34.21
CA ASN G 76 32.27 -29.75 35.04
C ASN G 76 33.75 -29.84 34.69
N ASP H 3 -13.01 -2.94 -55.99
CA ASP H 3 -13.18 -1.51 -55.73
C ASP H 3 -11.89 -0.88 -55.21
N ALA H 4 -11.39 0.13 -55.92
CA ALA H 4 -10.21 0.86 -55.49
C ALA H 4 -10.51 1.65 -54.24
N GLY H 5 -11.73 2.21 -54.19
CA GLY H 5 -12.21 2.92 -53.01
C GLY H 5 -12.20 2.04 -51.79
N PHE H 6 -12.68 0.80 -51.96
CA PHE H 6 -12.66 -0.15 -50.85
C PHE H 6 -11.24 -0.49 -50.42
N GLU H 7 -10.35 -0.74 -51.38
CA GLU H 7 -8.97 -1.10 -51.03
C GLU H 7 -8.29 0.06 -50.29
N ASN H 8 -8.69 1.28 -50.64
CA ASN H 8 -8.17 2.47 -49.98
C ASN H 8 -8.64 2.55 -48.53
N GLN H 9 -9.96 2.40 -48.34
CA GLN H 9 -10.50 2.38 -46.99
C GLN H 9 -9.87 1.26 -46.17
N LYS H 10 -9.58 0.14 -46.84
CA LYS H 10 -8.99 -0.99 -46.16
C LYS H 10 -7.58 -0.65 -45.72
N GLU H 11 -6.84 0.09 -46.55
CA GLU H 11 -5.49 0.51 -46.18
C GLU H 11 -5.52 1.45 -44.97
N LEU H 12 -6.41 2.43 -44.99
CA LEU H 12 -6.53 3.35 -43.85
C LEU H 12 -6.85 2.59 -42.55
N THR H 13 -7.88 1.74 -42.63
CA THR H 13 -8.28 0.91 -41.50
C THR H 13 -7.11 0.12 -40.95
N LYS H 14 -6.42 -0.61 -41.84
CA LYS H 14 -5.28 -1.40 -41.40
C LYS H 14 -4.18 -0.55 -40.75
N MET H 15 -3.88 0.62 -41.32
CA MET H 15 -2.92 1.55 -40.70
C MET H 15 -3.29 1.82 -39.24
N GLN H 16 -4.55 2.22 -39.04
CA GLN H 16 -5.02 2.51 -37.69
C GLN H 16 -4.91 1.31 -36.76
N LEU H 17 -5.34 0.14 -37.25
CA LEU H 17 -5.34 -1.05 -36.41
C LEU H 17 -3.92 -1.49 -36.02
N ASP H 18 -3.00 -1.44 -36.98
CA ASP H 18 -1.62 -1.81 -36.75
C ASP H 18 -0.99 -0.85 -35.73
N ASN H 19 -1.31 0.44 -35.87
CA ASN H 19 -0.82 1.41 -34.91
C ASN H 19 -1.29 1.07 -33.49
N GLN H 20 -2.58 0.75 -33.37
CA GLN H 20 -3.15 0.42 -32.06
C GLN H 20 -2.47 -0.83 -31.47
N LYS H 21 -2.23 -1.82 -32.32
CA LYS H 21 -1.56 -3.04 -31.85
C LYS H 21 -0.12 -2.75 -31.39
N GLU H 22 0.59 -1.91 -32.15
CA GLU H 22 1.97 -1.56 -31.79
C GLU H 22 1.99 -0.83 -30.44
N ILE H 23 1.04 0.07 -30.25
CA ILE H 23 0.93 0.82 -29.00
C ILE H 23 0.68 -0.14 -27.83
N ALA H 24 -0.25 -1.07 -28.02
CA ALA H 24 -0.55 -2.03 -26.97
C ALA H 24 0.68 -2.89 -26.64
N GLU H 25 1.41 -3.35 -27.65
CA GLU H 25 2.62 -4.12 -27.42
C GLU H 25 3.66 -3.33 -26.63
N MET H 26 3.80 -2.04 -26.95
CA MET H 26 4.78 -1.24 -26.24
C MET H 26 4.40 -1.04 -24.79
N GLN H 27 3.10 -0.88 -24.55
CA GLN H 27 2.58 -0.78 -23.21
C GLN H 27 2.84 -2.08 -22.42
N ASN H 28 2.51 -3.21 -23.03
CA ASN H 28 2.72 -4.51 -22.40
C ASN H 28 4.19 -4.71 -22.03
N GLU H 29 5.08 -4.41 -22.98
CA GLU H 29 6.50 -4.53 -22.73
C GLU H 29 6.93 -3.64 -21.55
N THR H 30 6.48 -2.39 -21.57
CA THR H 30 6.79 -1.45 -20.50
C THR H 30 6.36 -1.98 -19.14
N GLN H 31 5.13 -2.49 -19.07
CA GLN H 31 4.61 -3.04 -17.80
C GLN H 31 5.43 -4.25 -17.32
N LYS H 32 5.81 -5.13 -18.24
CA LYS H 32 6.69 -6.24 -17.89
C LYS H 32 8.04 -5.76 -17.36
N GLU H 33 8.63 -4.76 -18.02
CA GLU H 33 9.92 -4.22 -17.59
C GLU H 33 9.83 -3.63 -16.19
N ILE H 34 8.74 -2.90 -15.94
CA ILE H 34 8.54 -2.29 -14.62
C ILE H 34 8.37 -3.38 -13.55
N ALA H 35 7.63 -4.44 -13.89
CA ALA H 35 7.48 -5.55 -12.95
C ALA H 35 8.85 -6.19 -12.66
N GLY H 36 9.69 -6.29 -13.68
CA GLY H 36 11.02 -6.83 -13.50
C GLY H 36 11.88 -5.99 -12.57
N ILE H 37 11.81 -4.67 -12.73
CA ILE H 37 12.55 -3.76 -11.84
C ILE H 37 12.06 -3.88 -10.40
N GLN H 38 10.73 -3.91 -10.22
CA GLN H 38 10.15 -4.01 -8.90
C GLN H 38 10.52 -5.32 -8.22
N SER H 39 10.50 -6.41 -8.99
CA SER H 39 10.89 -7.72 -8.49
C SER H 39 12.38 -7.77 -8.10
N ALA H 40 13.26 -7.33 -8.98
CA ALA H 40 14.69 -7.34 -8.68
C ALA H 40 14.98 -6.52 -7.42
N THR H 41 14.34 -5.37 -7.33
CA THR H 41 14.49 -4.50 -6.18
C THR H 41 14.02 -5.18 -4.88
N SER H 42 12.83 -5.77 -4.92
CA SER H 42 12.27 -6.42 -3.73
C SER H 42 13.13 -7.61 -3.29
N ARG H 43 13.66 -8.35 -4.26
CA ARG H 43 14.51 -9.50 -3.97
C ARG H 43 15.82 -9.04 -3.30
N GLN H 44 16.48 -8.02 -3.88
CA GLN H 44 17.73 -7.54 -3.30
C GLN H 44 17.50 -6.93 -1.90
N ASN H 45 16.40 -6.20 -1.75
CA ASN H 45 16.03 -5.64 -0.44
C ASN H 45 15.91 -6.75 0.59
N THR H 46 15.23 -7.83 0.20
CA THR H 46 15.03 -8.96 1.10
C THR H 46 16.37 -9.58 1.50
N LYS H 47 17.24 -9.81 0.53
CA LYS H 47 18.59 -10.34 0.79
C LYS H 47 19.39 -9.47 1.77
N ASP H 48 19.31 -8.15 1.57
CA ASP H 48 20.01 -7.22 2.45
C ASP H 48 19.43 -7.30 3.87
N GLN H 49 18.10 -7.44 3.95
CA GLN H 49 17.43 -7.49 5.25
C GLN H 49 17.78 -8.75 6.04
N VAL H 50 17.81 -9.90 5.37
CA VAL H 50 18.01 -11.17 6.10
C VAL H 50 19.48 -11.51 6.32
N TYR H 51 20.37 -10.76 5.66
CA TYR H 51 21.81 -10.99 5.85
C TYR H 51 22.25 -11.22 7.31
N ALA H 52 21.92 -10.30 8.20
CA ALA H 52 22.41 -10.40 9.58
C ALA H 52 21.91 -11.65 10.32
N GLN H 53 20.60 -11.91 10.25
CA GLN H 53 20.04 -13.03 11.00
C GLN H 53 20.59 -14.36 10.45
N ASN H 54 20.78 -14.42 9.12
CA ASN H 54 21.37 -15.61 8.50
C ASN H 54 22.82 -15.81 8.93
N GLU H 55 23.58 -14.70 9.02
CA GLU H 55 24.95 -14.79 9.48
C GLU H 55 25.08 -15.16 10.96
N MET H 56 24.09 -14.77 11.77
CA MET H 56 24.10 -15.11 13.21
C MET H 56 23.68 -16.56 13.46
N LEU H 57 22.95 -17.11 12.49
CA LEU H 57 22.38 -18.46 12.65
C LEU H 57 23.30 -19.54 13.25
N ALA H 58 24.44 -19.78 12.61
CA ALA H 58 25.38 -20.80 13.08
C ALA H 58 25.88 -20.54 14.51
N TYR H 59 26.12 -19.26 14.81
CA TYR H 59 26.57 -18.86 16.13
C TYR H 59 25.52 -19.20 17.20
N GLN H 60 24.28 -18.79 16.93
CA GLN H 60 23.17 -19.08 17.84
C GLN H 60 22.94 -20.58 18.02
N GLN H 61 23.15 -21.36 16.96
CA GLN H 61 23.03 -22.82 17.06
C GLN H 61 24.13 -23.41 17.94
N LYS H 62 25.38 -23.02 17.73
CA LYS H 62 26.47 -23.51 18.56
C LYS H 62 26.29 -23.14 20.04
N GLU H 63 25.88 -21.89 20.28
CA GLU H 63 25.67 -21.44 21.65
C GLU H 63 24.53 -22.21 22.32
N SER H 64 23.47 -22.48 21.54
CA SER H 64 22.35 -23.24 22.06
C SER H 64 22.81 -24.65 22.44
N THR H 65 23.60 -25.27 21.57
CA THR H 65 24.12 -26.60 21.85
C THR H 65 24.95 -26.61 23.13
N ALA H 66 25.79 -25.60 23.29
CA ALA H 66 26.64 -25.49 24.48
C ALA H 66 25.80 -25.37 25.76
N ARG H 67 24.83 -24.47 25.73
CA ARG H 67 23.95 -24.29 26.89
C ARG H 67 23.26 -25.59 27.22
N VAL H 68 22.72 -26.27 26.20
CA VAL H 68 21.98 -27.50 26.43
C VAL H 68 22.87 -28.54 27.12
N ALA H 69 24.09 -28.69 26.63
CA ALA H 69 25.01 -29.63 27.25
C ALA H 69 25.23 -29.26 28.72
N SER H 70 25.45 -27.98 28.96
CA SER H 70 25.70 -27.50 30.32
C SER H 70 24.51 -27.80 31.26
N ILE H 71 23.32 -27.42 30.81
CA ILE H 71 22.08 -27.63 31.54
C ILE H 71 21.89 -29.11 31.87
N MET H 72 21.89 -29.95 30.84
CA MET H 72 21.65 -31.37 31.03
C MET H 72 22.67 -32.00 31.97
N GLU H 73 23.93 -31.59 31.85
CA GLU H 73 24.94 -32.06 32.80
C GLU H 73 24.55 -31.65 34.21
N ASN H 74 24.06 -30.42 34.35
CA ASN H 74 23.68 -29.88 35.66
C ASN H 74 22.47 -30.54 36.32
N THR H 75 21.46 -30.94 35.55
CA THR H 75 20.30 -31.59 36.15
C THR H 75 20.63 -33.00 36.62
N ASN H 76 21.74 -33.55 36.14
CA ASN H 76 22.26 -34.82 36.62
C ASN H 76 23.19 -34.64 37.81
N ASP I 3 -25.46 -5.50 -52.84
CA ASP I 3 -24.80 -4.69 -51.81
C ASP I 3 -23.37 -5.18 -51.56
N ALA I 4 -22.46 -4.83 -52.47
CA ALA I 4 -21.05 -5.08 -52.26
C ALA I 4 -20.60 -4.25 -51.07
N GLY I 5 -21.24 -3.09 -50.95
CA GLY I 5 -21.05 -2.19 -49.82
C GLY I 5 -21.18 -2.92 -48.50
N PHE I 6 -22.20 -3.76 -48.39
CA PHE I 6 -22.40 -4.50 -47.14
C PHE I 6 -21.29 -5.51 -46.83
N GLU I 7 -20.93 -6.34 -47.80
CA GLU I 7 -19.89 -7.34 -47.56
C GLU I 7 -18.55 -6.67 -47.25
N ASN I 8 -18.29 -5.55 -47.93
CA ASN I 8 -17.09 -4.79 -47.67
C ASN I 8 -17.07 -4.24 -46.25
N GLN I 9 -18.19 -3.63 -45.87
CA GLN I 9 -18.37 -3.08 -44.53
C GLN I 9 -18.20 -4.18 -43.48
N LYS I 10 -18.69 -5.37 -43.79
CA LYS I 10 -18.57 -6.50 -42.88
C LYS I 10 -17.11 -6.90 -42.74
N GLU I 11 -16.38 -6.86 -43.85
CA GLU I 11 -14.95 -7.18 -43.79
C GLU I 11 -14.18 -6.18 -42.91
N LEU I 12 -14.41 -4.88 -43.13
CA LEU I 12 -13.73 -3.85 -42.33
C LEU I 12 -14.06 -3.98 -40.84
N THR I 13 -15.35 -4.16 -40.56
CA THR I 13 -15.82 -4.36 -39.18
C THR I 13 -15.10 -5.54 -38.55
N LYS I 14 -15.06 -6.66 -39.25
CA LYS I 14 -14.41 -7.86 -38.70
C LYS I 14 -12.91 -7.63 -38.45
N MET I 15 -12.26 -6.92 -39.37
CA MET I 15 -10.86 -6.57 -39.14
C MET I 15 -10.69 -5.87 -37.80
N GLN I 16 -11.55 -4.86 -37.57
CA GLN I 16 -11.48 -4.12 -36.32
C GLN I 16 -11.75 -4.98 -35.08
N LEU I 17 -12.84 -5.74 -35.10
CA LEU I 17 -13.19 -6.61 -33.97
C LEU I 17 -12.08 -7.62 -33.64
N ASP I 18 -11.50 -8.22 -34.69
CA ASP I 18 -10.42 -9.19 -34.52
C ASP I 18 -9.20 -8.54 -33.88
N ASN I 19 -8.87 -7.34 -34.35
CA ASN I 19 -7.76 -6.58 -33.77
C ASN I 19 -8.00 -6.27 -32.28
N GLN I 20 -9.20 -5.81 -31.96
CA GLN I 20 -9.53 -5.52 -30.57
C GLN I 20 -9.40 -6.76 -29.69
N LYS I 21 -9.95 -7.89 -30.17
CA LYS I 21 -9.84 -9.14 -29.40
C LYS I 21 -8.38 -9.60 -29.22
N GLU I 22 -7.56 -9.45 -30.26
CA GLU I 22 -6.13 -9.79 -30.15
C GLU I 22 -5.43 -8.93 -29.10
N ILE I 23 -5.68 -7.62 -29.16
CA ILE I 23 -5.10 -6.71 -28.17
C ILE I 23 -5.52 -7.07 -26.74
N ALA I 24 -6.80 -7.38 -26.57
CA ALA I 24 -7.29 -7.74 -25.25
C ALA I 24 -6.60 -9.02 -24.76
N GLU I 25 -6.47 -10.00 -25.65
CA GLU I 25 -5.79 -11.24 -25.30
C GLU I 25 -4.35 -11.00 -24.86
N MET I 26 -3.62 -10.18 -25.61
CA MET I 26 -2.24 -9.88 -25.22
C MET I 26 -2.17 -9.16 -23.88
N GLN I 27 -3.09 -8.23 -23.64
CA GLN I 27 -3.14 -7.54 -22.35
C GLN I 27 -3.41 -8.51 -21.20
N ASN I 28 -4.40 -9.38 -21.35
CA ASN I 28 -4.72 -10.37 -20.33
C ASN I 28 -3.53 -11.27 -20.05
N GLU I 29 -2.85 -11.71 -21.10
CA GLU I 29 -1.69 -12.56 -20.94
C GLU I 29 -0.57 -11.84 -20.19
N THR I 30 -0.33 -10.59 -20.56
CA THR I 30 0.66 -9.74 -19.88
C THR I 30 0.34 -9.61 -18.39
N GLN I 31 -0.93 -9.35 -18.08
CA GLN I 31 -1.33 -9.15 -16.70
C GLN I 31 -1.12 -10.44 -15.90
N LYS I 32 -1.42 -11.58 -16.52
CA LYS I 32 -1.23 -12.85 -15.83
C LYS I 32 0.25 -13.16 -15.61
N GLU I 33 1.09 -12.83 -16.59
CA GLU I 33 2.53 -13.02 -16.41
C GLU I 33 3.05 -12.16 -15.26
N ILE I 34 2.65 -10.89 -15.25
CA ILE I 34 3.07 -9.99 -14.16
C ILE I 34 2.63 -10.52 -12.80
N ALA I 35 1.40 -11.03 -12.72
CA ALA I 35 0.92 -11.65 -11.49
C ALA I 35 1.82 -12.83 -11.12
N GLY I 36 2.25 -13.58 -12.11
CA GLY I 36 3.18 -14.67 -11.90
C GLY I 36 4.48 -14.21 -11.26
N ILE I 37 5.09 -13.17 -11.85
CA ILE I 37 6.32 -12.60 -11.32
C ILE I 37 6.17 -12.09 -9.87
N GLN I 38 5.07 -11.36 -9.62
CA GLN I 38 4.81 -10.83 -8.29
C GLN I 38 4.65 -11.96 -7.27
N SER I 39 3.93 -13.01 -7.64
CA SER I 39 3.72 -14.15 -6.76
C SER I 39 5.02 -14.89 -6.45
N ALA I 40 5.81 -15.15 -7.49
CA ALA I 40 7.10 -15.83 -7.35
C ALA I 40 8.04 -15.05 -6.41
N THR I 41 8.08 -13.74 -6.63
CA THR I 41 8.94 -12.86 -5.83
C THR I 41 8.50 -12.85 -4.37
N SER I 42 7.21 -12.71 -4.14
CA SER I 42 6.65 -12.70 -2.80
C SER I 42 6.91 -14.02 -2.05
N ARG I 43 6.66 -15.15 -2.73
CA ARG I 43 6.96 -16.47 -2.15
C ARG I 43 8.44 -16.58 -1.79
N GLN I 44 9.32 -16.29 -2.74
CA GLN I 44 10.75 -16.43 -2.50
C GLN I 44 11.21 -15.52 -1.35
N ASN I 45 10.70 -14.29 -1.34
CA ASN I 45 10.96 -13.36 -0.25
C ASN I 45 10.58 -13.95 1.10
N THR I 46 9.38 -14.53 1.18
CA THR I 46 8.89 -15.10 2.43
C THR I 46 9.76 -16.27 2.89
N LYS I 47 10.12 -17.15 1.95
CA LYS I 47 11.03 -18.24 2.26
C LYS I 47 12.36 -17.72 2.84
N ASP I 48 12.91 -16.70 2.19
CA ASP I 48 14.17 -16.10 2.65
C ASP I 48 14.00 -15.53 4.07
N GLN I 49 12.88 -14.86 4.31
CA GLN I 49 12.65 -14.25 5.62
C GLN I 49 12.51 -15.27 6.74
N VAL I 50 11.78 -16.37 6.49
CA VAL I 50 11.52 -17.34 7.56
C VAL I 50 12.61 -18.38 7.73
N TYR I 51 13.57 -18.39 6.80
CA TYR I 51 14.68 -19.35 6.88
C TYR I 51 15.33 -19.48 8.26
N ALA I 52 15.75 -18.35 8.85
CA ALA I 52 16.49 -18.42 10.12
C ALA I 52 15.65 -18.94 11.29
N GLN I 53 14.43 -18.43 11.45
CA GLN I 53 13.58 -18.87 12.56
C GLN I 53 13.25 -20.36 12.41
N ASN I 54 13.06 -20.79 11.16
CA ASN I 54 12.79 -22.22 10.93
C ASN I 54 14.02 -23.08 11.25
N GLU I 55 15.22 -22.59 10.94
CA GLU I 55 16.43 -23.35 11.27
C GLU I 55 16.74 -23.31 12.76
N MET I 56 16.25 -22.30 13.48
CA MET I 56 16.51 -22.23 14.93
C MET I 56 15.52 -23.09 15.69
N LEU I 57 14.38 -23.38 15.05
CA LEU I 57 13.29 -24.12 15.69
C LEU I 57 13.71 -25.34 16.54
N ALA I 58 14.38 -26.33 15.94
CA ALA I 58 14.74 -27.56 16.64
C ALA I 58 15.67 -27.30 17.83
N TYR I 59 16.54 -26.31 17.68
CA TYR I 59 17.47 -25.95 18.74
C TYR I 59 16.70 -25.36 19.91
N GLN I 60 15.76 -24.47 19.60
CA GLN I 60 14.96 -23.84 20.65
C GLN I 60 14.06 -24.83 21.38
N GLN I 61 13.50 -25.80 20.65
CA GLN I 61 12.67 -26.84 21.26
C GLN I 61 13.53 -27.71 22.20
N LYS I 62 14.68 -28.15 21.70
CA LYS I 62 15.62 -28.93 22.52
C LYS I 62 16.01 -28.19 23.81
N GLU I 63 16.40 -26.93 23.66
CA GLU I 63 16.81 -26.14 24.82
C GLU I 63 15.66 -25.91 25.79
N SER I 64 14.46 -25.68 25.26
CA SER I 64 13.28 -25.51 26.13
C SER I 64 13.06 -26.76 26.99
N THR I 65 13.12 -27.92 26.35
CA THR I 65 12.94 -29.18 27.06
C THR I 65 13.98 -29.40 28.16
N ALA I 66 15.25 -29.11 27.83
CA ALA I 66 16.30 -29.21 28.84
C ALA I 66 16.02 -28.25 30.01
N ARG I 67 15.60 -27.03 29.69
CA ARG I 67 15.24 -26.05 30.72
C ARG I 67 14.13 -26.57 31.64
N VAL I 68 13.08 -27.14 31.05
CA VAL I 68 11.99 -27.68 31.85
C VAL I 68 12.47 -28.80 32.78
N ALA I 69 13.32 -29.69 32.25
CA ALA I 69 13.86 -30.77 33.08
C ALA I 69 14.65 -30.22 34.27
N SER I 70 15.49 -29.23 33.99
CA SER I 70 16.27 -28.58 35.04
C SER I 70 15.38 -27.94 36.10
N ILE I 71 14.44 -27.12 35.63
CA ILE I 71 13.51 -26.40 36.49
C ILE I 71 12.75 -27.35 37.42
N MET I 72 12.20 -28.41 36.83
CA MET I 72 11.42 -29.38 37.60
C MET I 72 12.29 -30.15 38.58
N GLU I 73 13.55 -30.38 38.19
CA GLU I 73 14.50 -31.05 39.07
C GLU I 73 14.74 -30.19 40.31
N ASN I 74 15.11 -28.93 40.08
CA ASN I 74 15.34 -27.99 41.16
C ASN I 74 14.10 -27.79 42.02
N THR I 75 12.95 -27.74 41.39
CA THR I 75 11.69 -27.54 42.09
C THR I 75 11.38 -28.68 43.04
N ASN I 76 11.63 -29.90 42.58
CA ASN I 76 11.38 -31.09 43.39
C ASN I 76 12.25 -31.14 44.64
N LEU I 77 13.51 -30.73 44.49
CA LEU I 77 14.42 -30.68 45.63
C LEU I 77 14.50 -29.26 46.19
N ASP J 3 -36.75 -5.61 -44.26
CA ASP J 3 -35.75 -4.69 -44.75
C ASP J 3 -34.35 -5.32 -44.74
N ALA J 4 -33.85 -5.63 -45.93
CA ALA J 4 -32.54 -6.25 -46.09
C ALA J 4 -31.44 -5.39 -45.47
N GLY J 5 -31.43 -4.11 -45.83
CA GLY J 5 -30.45 -3.16 -45.33
C GLY J 5 -30.48 -3.07 -43.82
N PHE J 6 -31.67 -3.03 -43.25
CA PHE J 6 -31.78 -2.97 -41.81
C PHE J 6 -31.38 -4.29 -41.15
N GLU J 7 -31.68 -5.41 -41.79
CA GLU J 7 -31.26 -6.70 -41.23
C GLU J 7 -29.74 -6.74 -41.20
N ASN J 8 -29.14 -6.13 -42.22
CA ASN J 8 -27.69 -6.08 -42.36
C ASN J 8 -27.05 -5.22 -41.29
N GLN J 9 -27.60 -4.02 -41.10
CA GLN J 9 -27.08 -3.14 -40.07
C GLN J 9 -27.25 -3.78 -38.69
N LYS J 10 -28.36 -4.47 -38.50
CA LYS J 10 -28.60 -5.20 -37.26
C LYS J 10 -27.53 -6.27 -37.06
N GLU J 11 -27.19 -7.00 -38.13
CA GLU J 11 -26.16 -8.04 -38.03
C GLU J 11 -24.81 -7.46 -37.63
N LEU J 12 -24.37 -6.40 -38.33
CA LEU J 12 -23.10 -5.78 -37.98
C LEU J 12 -23.08 -5.32 -36.53
N THR J 13 -24.16 -4.65 -36.13
CA THR J 13 -24.30 -4.20 -34.75
C THR J 13 -24.14 -5.35 -33.76
N LYS J 14 -24.89 -6.44 -33.99
CA LYS J 14 -24.82 -7.60 -33.10
C LYS J 14 -23.40 -8.19 -33.05
N MET J 15 -22.71 -8.17 -34.20
CA MET J 15 -21.33 -8.68 -34.26
C MET J 15 -20.42 -7.87 -33.34
N GLN J 16 -20.55 -6.54 -33.43
CA GLN J 16 -19.76 -5.67 -32.57
C GLN J 16 -20.09 -5.87 -31.09
N LEU J 17 -21.38 -5.96 -30.77
CA LEU J 17 -21.81 -6.09 -29.38
C LEU J 17 -21.37 -7.42 -28.76
N ASP J 18 -21.46 -8.50 -29.54
CA ASP J 18 -20.98 -9.80 -29.09
C ASP J 18 -19.48 -9.76 -28.86
N ASN J 19 -18.75 -9.13 -29.77
CA ASN J 19 -17.30 -8.98 -29.57
C ASN J 19 -16.96 -8.24 -28.28
N GLN J 20 -17.61 -7.10 -28.06
CA GLN J 20 -17.37 -6.32 -26.85
C GLN J 20 -17.68 -7.13 -25.60
N LYS J 21 -18.80 -7.85 -25.62
CA LYS J 21 -19.17 -8.67 -24.46
C LYS J 21 -18.14 -9.78 -24.19
N GLU J 22 -17.67 -10.43 -25.26
CA GLU J 22 -16.65 -11.46 -25.12
C GLU J 22 -15.36 -10.92 -24.53
N ILE J 23 -14.95 -9.74 -25.01
CA ILE J 23 -13.76 -9.10 -24.47
C ILE J 23 -13.93 -8.81 -22.97
N ALA J 24 -15.11 -8.30 -22.60
CA ALA J 24 -15.37 -7.99 -21.19
C ALA J 24 -15.31 -9.25 -20.33
N GLU J 25 -15.90 -10.33 -20.84
CA GLU J 25 -15.87 -11.61 -20.14
C GLU J 25 -14.46 -12.17 -19.96
N MET J 26 -13.62 -12.10 -20.99
CA MET J 26 -12.24 -12.58 -20.85
C MET J 26 -11.46 -11.72 -19.86
N GLN J 27 -11.72 -10.42 -19.89
CA GLN J 27 -11.08 -9.54 -18.93
C GLN J 27 -11.51 -9.86 -17.50
N ASN J 28 -12.81 -10.08 -17.29
CA ASN J 28 -13.31 -10.42 -15.97
C ASN J 28 -12.71 -11.73 -15.45
N GLU J 29 -12.63 -12.73 -16.34
CA GLU J 29 -12.04 -14.02 -15.96
C GLU J 29 -10.56 -13.85 -15.61
N THR J 30 -9.85 -13.01 -16.37
CA THR J 30 -8.45 -12.70 -16.09
C THR J 30 -8.31 -12.09 -14.70
N GLN J 31 -9.13 -11.08 -14.39
CA GLN J 31 -9.09 -10.44 -13.07
C GLN J 31 -9.35 -11.44 -11.94
N LYS J 32 -10.30 -12.35 -12.14
CA LYS J 32 -10.59 -13.34 -11.10
C LYS J 32 -9.43 -14.31 -10.91
N GLU J 33 -8.81 -14.74 -12.01
CA GLU J 33 -7.67 -15.62 -11.90
C GLU J 33 -6.52 -14.95 -11.16
N ILE J 34 -6.31 -13.67 -11.44
CA ILE J 34 -5.25 -12.93 -10.74
C ILE J 34 -5.54 -12.79 -9.25
N ALA J 35 -6.81 -12.55 -8.91
CA ALA J 35 -7.16 -12.44 -7.52
C ALA J 35 -6.92 -13.80 -6.84
N GLY J 36 -7.15 -14.88 -7.59
CA GLY J 36 -6.90 -16.22 -7.07
C GLY J 36 -5.43 -16.49 -6.80
N ILE J 37 -4.58 -16.06 -7.72
CA ILE J 37 -3.12 -16.15 -7.53
C ILE J 37 -2.69 -15.34 -6.30
N GLN J 38 -3.20 -14.11 -6.18
CA GLN J 38 -2.80 -13.24 -5.06
C GLN J 38 -3.27 -13.83 -3.72
N SER J 39 -4.50 -14.34 -3.69
CA SER J 39 -5.00 -14.99 -2.48
C SER J 39 -4.19 -16.23 -2.07
N ALA J 40 -3.93 -17.13 -3.02
CA ALA J 40 -3.14 -18.33 -2.71
C ALA J 40 -1.73 -17.96 -2.20
N THR J 41 -1.13 -16.95 -2.83
CA THR J 41 0.22 -16.51 -2.43
C THR J 41 0.18 -15.96 -1.00
N SER J 42 -0.81 -15.11 -0.73
CA SER J 42 -0.95 -14.47 0.58
C SER J 42 -1.19 -15.52 1.70
N ARG J 43 -2.08 -16.47 1.43
CA ARG J 43 -2.36 -17.55 2.37
C ARG J 43 -1.12 -18.39 2.67
N GLN J 44 -0.38 -18.76 1.62
CA GLN J 44 0.80 -19.60 1.83
C GLN J 44 1.92 -18.83 2.54
N ASN J 45 2.08 -17.55 2.22
CA ASN J 45 3.07 -16.70 2.89
C ASN J 45 2.76 -16.66 4.38
N THR J 46 1.48 -16.48 4.70
CA THR J 46 1.03 -16.39 6.08
C THR J 46 1.32 -17.69 6.83
N LYS J 47 0.97 -18.83 6.22
CA LYS J 47 1.28 -20.13 6.82
C LYS J 47 2.79 -20.32 7.07
N ASP J 48 3.60 -19.97 6.08
CA ASP J 48 5.05 -20.06 6.22
C ASP J 48 5.54 -19.19 7.39
N GLN J 49 4.98 -17.99 7.50
CA GLN J 49 5.37 -17.05 8.56
C GLN J 49 5.04 -17.56 9.95
N VAL J 50 3.84 -18.10 10.15
CA VAL J 50 3.43 -18.49 11.50
C VAL J 50 3.84 -19.91 11.90
N TYR J 51 4.45 -20.63 10.96
CA TYR J 51 4.91 -21.99 11.24
C TYR J 51 5.73 -22.11 12.53
N ALA J 52 6.80 -21.33 12.65
CA ALA J 52 7.70 -21.47 13.80
C ALA J 52 7.01 -21.17 15.14
N GLN J 53 6.24 -20.07 15.22
CA GLN J 53 5.59 -19.72 16.49
C GLN J 53 4.56 -20.79 16.89
N ASN J 54 3.91 -21.36 15.87
CA ASN J 54 2.95 -22.42 16.13
C ASN J 54 3.64 -23.68 16.63
N GLU J 55 4.80 -24.00 16.04
CA GLU J 55 5.55 -25.17 16.48
C GLU J 55 6.19 -24.98 17.87
N MET J 56 6.43 -23.73 18.28
CA MET J 56 6.97 -23.48 19.62
C MET J 56 5.90 -23.47 20.70
N LEU J 57 4.64 -23.29 20.27
CA LEU J 57 3.51 -23.27 21.21
C LEU J 57 3.55 -24.30 22.38
N ALA J 58 3.51 -25.59 22.07
CA ALA J 58 3.50 -26.63 23.10
C ALA J 58 4.69 -26.55 24.06
N TYR J 59 5.85 -26.17 23.53
CA TYR J 59 7.06 -26.06 24.34
C TYR J 59 6.97 -24.88 25.31
N GLN J 60 6.50 -23.73 24.81
CA GLN J 60 6.34 -22.56 25.66
C GLN J 60 5.28 -22.80 26.73
N GLN J 61 4.25 -23.56 26.39
CA GLN J 61 3.23 -23.89 27.39
C GLN J 61 3.82 -24.77 28.49
N LYS J 62 4.53 -25.83 28.09
CA LYS J 62 5.15 -26.71 29.10
C LYS J 62 6.16 -25.96 29.98
N GLU J 63 6.96 -25.09 29.38
CA GLU J 63 7.91 -24.31 30.16
C GLU J 63 7.24 -23.30 31.10
N SER J 64 6.15 -22.68 30.65
CA SER J 64 5.40 -21.78 31.54
C SER J 64 4.88 -22.56 32.75
N THR J 65 4.28 -23.73 32.50
CA THR J 65 3.80 -24.57 33.59
C THR J 65 4.90 -24.91 34.60
N ALA J 66 6.06 -25.32 34.08
CA ALA J 66 7.20 -25.59 34.94
C ALA J 66 7.59 -24.38 35.77
N ARG J 67 7.67 -23.21 35.12
CA ARG J 67 7.94 -21.97 35.85
C ARG J 67 6.93 -21.71 36.96
N VAL J 68 5.65 -21.98 36.71
CA VAL J 68 4.63 -21.72 37.73
C VAL J 68 4.86 -22.60 38.94
N ALA J 69 5.18 -23.88 38.69
CA ALA J 69 5.49 -24.79 39.80
C ALA J 69 6.66 -24.24 40.61
N SER J 70 7.70 -23.81 39.90
CA SER J 70 8.88 -23.28 40.55
C SER J 70 8.60 -22.01 41.37
N ILE J 71 7.82 -21.10 40.81
CA ILE J 71 7.46 -19.85 41.48
C ILE J 71 6.70 -20.17 42.77
N MET J 72 5.72 -21.06 42.66
CA MET J 72 4.90 -21.38 43.82
C MET J 72 5.71 -22.07 44.90
N GLU J 73 6.70 -22.86 44.49
CA GLU J 73 7.60 -23.50 45.44
C GLU J 73 8.36 -22.44 46.23
N ASN J 74 9.11 -21.60 45.52
CA ASN J 74 9.75 -20.44 46.14
C ASN J 74 8.73 -19.43 46.65
#